data_9HM6
#
_entry.id   9HM6
#
_cell.length_a   1.00
_cell.length_b   1.00
_cell.length_c   1.00
_cell.angle_alpha   90.00
_cell.angle_beta   90.00
_cell.angle_gamma   90.00
#
_symmetry.space_group_name_H-M   'P 1'
#
loop_
_entity.id
_entity.type
_entity.pdbx_description
1 polymer Ba1Cas12a3
2 polymer crRNA
3 polymer 'target RNA'
#
loop_
_entity_poly.entity_id
_entity_poly.type
_entity_poly.pdbx_seq_one_letter_code
_entity_poly.pdbx_strand_id
1 'polypeptide(L)'
;METYKVTKTIRFKLEAQNVPEIQKDIEGLQSEFNLANFVSDLKNYLDQVRNYLFSEGKEHVFVNNKITIKREWLQNHAKQ
EWVDFLEKNKRNNSLNNHTRRIQMSIGDFTGLASKIEGTFDEINSICKGLADAAGAQANKRTKRERTGLLLKRLQARKAL
PSLFSLIENSADKNETGNLSLQLKNKSILIEQQLAAGVQTFLPAQSGGLPVAKASFNYYTINKKPVDFGNEKSELESRLK
ISIDTIFKLTRENFSKKIEEAITADIQKELNNGKTLLLGDVPMLGIENYVSLRQILKNIKSNQKKAFSDLMQSGKNYNEL
KATNLYLLNTIEQRQFDNYKVKTNELEKLAVKINQATNDNQKKELISNKQRVAKQRGIIMRDNFATWKSFSNFYRTISQE
HGKILALLKGIEKERTESQLLKYWALILENNGQHKLILIPREKAASCKQWIASLNPSGDKLTKLFWFESLTYRSLQKLCF
GFTENGNNKFNKNIQNLLPKDNSRKIINGEFAFQGDEQKKIKFYQSVLESKYAQSVLNIPIQQVQADIINQSFASLDDFQ
IALEKICYRLFAVVEANIEAELLKNDKAQIFNITSSDLRKEAKDKIKSHTQIWKAFWTSENKQNNFETRLNPEITITYRQ
PKQSKIDKYGERSQKNNRYLHAQYTLITTISEHSNSPTKILSFMSDDEFKSSVDTFNKKFKKDEIKFAFGIDNGEVELST
LGVYFPAFDKTTYKEKVAELEKVNDYGFEVLTIRNLNYKETDYNGKERKIIQNPSYFLKKENYLRTFNKSETAYQKMFTE
QFEKKKLLTLDLTTAKVICGHIVTNGDVPALFNLWLKHAQRNIFEMNDHIQKETAKKIVLKNQLDTDNEKLKFAEYISKE
KEFGKLNDDEKMKYTKWIFEDRDQNNFTEVENKKFKRCQKIYGNYSTKAKAPVLFASCFIDEELQSVTDIFDVRHIFKKR
EDFYALKTEEEIKQLIDSYNTNRASHDISNEELDLKILNTKKALVANAVGVIDFLYKHYERRLGGEGLIIKEGFGTGKVE
DGIEKFSGNIYRILERKLYQKFQNYGLVPPIKSLMAVRANGIENNKNAILQLGNVGFIDPAGTSQECPVCIEGRLEHTTT
CPNKCGFNSERIMHSNDGIASFNIAKRGFNNFVKSKTDKQLEHHHHHH
;
A
2 'polyribonucleotide' GUCUAAACCGACCCAAUAAUUUCUACUGUUGUAGAUGAGGGAUCUCGCUCCUGGAAGAUGGUGAU B
3 'polyribonucleotide' AAUCCCAUCACCAUCUUCCAGGAGCGAGAUCCCUCCAAAAUC C
#
loop_
_chem_comp.id
_chem_comp.type
_chem_comp.name
_chem_comp.formula
A RNA linking ADENOSINE-5'-MONOPHOSPHATE 'C10 H14 N5 O7 P'
C RNA linking CYTIDINE-5'-MONOPHOSPHATE 'C9 H14 N3 O8 P'
G RNA linking GUANOSINE-5'-MONOPHOSPHATE 'C10 H14 N5 O8 P'
U RNA linking URIDINE-5'-MONOPHOSPHATE 'C9 H13 N2 O9 P'
#
# COMPACT_ATOMS: atom_id res chain seq x y z
N MET A 1 24.72 0.17 -7.65
CA MET A 1 24.58 1.46 -7.19
C MET A 1 24.51 1.54 -5.69
N GLU A 2 24.20 2.65 -5.12
CA GLU A 2 24.08 2.94 -3.75
C GLU A 2 22.98 2.13 -3.10
N THR A 3 22.84 2.20 -1.82
CA THR A 3 21.89 1.61 -0.97
C THR A 3 21.36 2.56 0.08
N TYR A 4 20.28 2.29 0.69
CA TYR A 4 19.48 3.10 1.54
C TYR A 4 19.32 2.57 2.94
N LYS A 5 19.10 3.48 3.89
CA LYS A 5 18.73 3.12 5.26
C LYS A 5 17.30 2.57 5.27
N VAL A 6 17.08 1.43 4.64
CA VAL A 6 15.79 0.75 4.69
C VAL A 6 15.56 0.24 6.10
N THR A 7 14.38 0.50 6.64
CA THR A 7 13.95 0.00 7.95
C THR A 7 12.99 -1.16 7.75
N LYS A 8 13.15 -2.26 8.50
CA LYS A 8 12.26 -3.43 8.42
C LYS A 8 11.90 -3.92 9.81
N THR A 9 10.63 -3.82 10.18
CA THR A 9 10.08 -4.49 11.35
C THR A 9 10.14 -6.00 11.14
N ILE A 10 10.47 -6.74 12.19
CA ILE A 10 10.68 -8.19 12.22
C ILE A 10 10.13 -8.71 13.55
N ARG A 11 9.87 -10.02 13.63
CA ARG A 11 9.20 -10.63 14.78
C ARG A 11 9.57 -12.08 14.99
N PHE A 12 9.47 -12.56 16.24
CA PHE A 12 9.75 -13.95 16.60
C PHE A 12 8.87 -14.46 17.74
N LYS A 13 8.78 -15.79 17.86
CA LYS A 13 8.00 -16.50 18.87
C LYS A 13 8.81 -16.63 20.15
N LEU A 14 8.20 -16.25 21.27
CA LEU A 14 8.68 -16.27 22.60
C LEU A 14 8.09 -17.36 23.45
N GLU A 15 8.83 -18.05 24.25
CA GLU A 15 8.52 -19.06 25.19
C GLU A 15 8.95 -18.68 26.58
N ALA A 16 8.12 -18.72 27.56
CA ALA A 16 8.33 -18.37 28.91
C ALA A 16 9.14 -19.41 29.64
N GLN A 17 10.26 -19.03 30.25
CA GLN A 17 11.01 -19.92 31.13
C GLN A 17 10.83 -19.53 32.58
N ASN A 18 10.88 -18.23 32.89
CA ASN A 18 10.67 -17.74 34.24
C ASN A 18 10.13 -16.32 34.16
N VAL A 19 8.89 -16.14 34.58
CA VAL A 19 8.23 -14.84 34.52
C VAL A 19 7.58 -14.53 35.86
N PRO A 20 8.37 -14.36 36.93
CA PRO A 20 7.77 -14.06 38.23
C PRO A 20 6.93 -12.79 38.23
N GLU A 21 7.32 -11.79 37.45
CA GLU A 21 6.65 -10.49 37.45
C GLU A 21 5.74 -10.30 36.24
N ILE A 22 6.20 -10.71 35.06
CA ILE A 22 5.42 -10.48 33.83
C ILE A 22 4.07 -11.16 33.93
N GLN A 23 4.05 -12.41 34.40
CA GLN A 23 2.80 -13.17 34.45
C GLN A 23 1.78 -12.52 35.36
N LYS A 24 2.22 -11.62 36.26
CA LYS A 24 1.28 -10.95 37.15
C LYS A 24 0.12 -10.34 36.38
N ASP A 25 0.41 -9.73 35.23
CA ASP A 25 -0.61 -9.15 34.37
C ASP A 25 -1.18 -10.15 33.37
N ILE A 26 -0.74 -11.35 33.30
CA ILE A 26 -1.11 -12.39 32.43
C ILE A 26 -1.52 -13.66 33.15
N SER A 206 -8.31 -9.85 20.74
CA SER A 206 -8.31 -10.68 19.59
C SER A 206 -6.95 -10.80 18.96
N GLY A 207 -6.41 -9.70 18.53
CA GLY A 207 -5.14 -9.53 18.03
C GLY A 207 -4.04 -9.37 18.98
N GLY A 208 -2.83 -9.22 18.57
CA GLY A 208 -1.76 -8.95 19.39
C GLY A 208 -1.92 -7.77 20.25
N LEU A 209 -1.62 -7.83 21.51
CA LEU A 209 -1.82 -6.89 22.54
C LEU A 209 -0.53 -6.49 23.22
N PRO A 210 -0.11 -5.23 23.23
CA PRO A 210 1.12 -4.85 23.90
C PRO A 210 1.07 -5.08 25.39
N VAL A 211 2.05 -5.68 25.99
CA VAL A 211 2.18 -6.00 27.35
C VAL A 211 3.46 -5.53 28.00
N ALA A 212 4.47 -5.27 27.22
CA ALA A 212 5.78 -4.90 27.62
C ALA A 212 6.62 -4.34 26.51
N LYS A 213 7.41 -3.33 26.75
CA LYS A 213 8.33 -2.68 25.92
C LYS A 213 9.65 -2.44 26.61
N ALA A 214 10.77 -2.75 26.04
CA ALA A 214 12.08 -2.74 26.57
C ALA A 214 13.11 -2.27 25.61
N SER A 215 14.25 -1.81 26.17
CA SER A 215 15.37 -1.24 25.42
C SER A 215 16.72 -1.83 25.85
N PHE A 216 17.68 -1.92 24.93
CA PHE A 216 19.01 -2.35 25.13
C PHE A 216 19.94 -1.31 25.70
N ASN A 217 19.50 -0.07 25.85
CA ASN A 217 20.35 1.04 26.27
C ASN A 217 20.02 1.53 27.69
N TYR A 218 20.96 1.35 28.61
CA TYR A 218 20.84 1.71 30.03
C TYR A 218 20.65 3.22 30.28
N TYR A 219 21.05 4.06 29.33
CA TYR A 219 20.76 5.49 29.41
C TYR A 219 19.32 5.76 28.97
N THR A 220 18.83 5.11 27.92
CA THR A 220 17.50 5.39 27.37
C THR A 220 16.37 5.09 28.35
N ILE A 221 16.54 4.13 29.28
CA ILE A 221 15.64 3.84 30.32
C ILE A 221 15.44 5.00 31.25
N ASN A 222 16.42 5.89 31.39
CA ASN A 222 16.43 6.92 32.42
C ASN A 222 15.37 8.03 32.19
N LYS A 223 14.78 8.11 30.98
CA LYS A 223 13.64 8.98 30.66
C LYS A 223 12.36 8.47 31.32
N LYS A 224 12.33 8.52 32.65
CA LYS A 224 11.24 8.23 33.49
C LYS A 224 10.07 9.12 33.17
N PRO A 225 8.82 8.66 33.23
CA PRO A 225 7.69 9.52 32.93
C PRO A 225 7.59 10.78 33.75
N VAL A 226 7.97 10.76 34.99
CA VAL A 226 7.93 11.83 35.91
C VAL A 226 8.74 13.00 35.43
N ASP A 227 9.71 12.80 34.59
CA ASP A 227 10.57 13.73 33.98
C ASP A 227 9.86 14.56 32.94
N PHE A 228 8.79 15.22 33.24
CA PHE A 228 7.95 15.98 32.41
C PHE A 228 7.11 16.98 33.16
N GLY A 229 6.78 18.10 32.51
CA GLY A 229 5.98 19.14 33.14
C GLY A 229 4.53 19.10 32.71
N ASN A 230 3.79 20.11 33.18
CA ASN A 230 2.37 20.27 32.83
C ASN A 230 2.27 20.99 31.48
N GLU A 231 2.48 20.21 30.41
CA GLU A 231 2.53 20.79 29.08
C GLU A 231 1.19 21.38 28.67
N LYS A 232 0.09 20.97 29.22
CA LYS A 232 -1.24 21.36 28.91
C LYS A 232 -1.40 22.86 28.98
N SER A 233 -0.91 23.43 30.09
CA SER A 233 -1.09 24.86 30.32
C SER A 233 -0.43 25.69 29.25
N GLU A 234 0.74 25.28 28.75
CA GLU A 234 1.41 26.03 27.71
C GLU A 234 0.58 26.04 26.42
N LEU A 235 0.08 24.93 25.97
CA LEU A 235 -0.76 24.79 24.84
C LEU A 235 -2.00 25.63 24.97
N GLU A 236 -2.52 25.71 26.20
CA GLU A 236 -3.70 26.54 26.45
C GLU A 236 -3.44 27.98 26.01
N SER A 237 -2.20 28.44 26.12
CA SER A 237 -1.86 29.80 25.70
C SER A 237 -2.13 30.03 24.22
N ARG A 238 -2.11 29.05 23.38
CA ARG A 238 -2.33 29.03 21.99
C ARG A 238 -3.78 29.02 21.59
N LEU A 239 -4.70 28.84 22.48
CA LEU A 239 -6.07 28.57 22.32
C LEU A 239 -7.06 29.57 22.84
N LYS A 240 -6.65 30.42 23.78
CA LYS A 240 -7.56 31.37 24.42
C LYS A 240 -7.67 32.64 23.58
N ILE A 241 -8.23 32.54 22.42
CA ILE A 241 -8.55 33.58 21.53
C ILE A 241 -9.59 34.50 22.13
N SER A 242 -9.52 35.79 21.83
CA SER A 242 -10.52 36.77 22.25
C SER A 242 -11.32 37.24 21.04
N ILE A 243 -12.45 37.89 21.33
CA ILE A 243 -13.36 38.32 20.27
C ILE A 243 -12.67 39.33 19.37
N ASP A 244 -11.86 40.22 19.95
CA ASP A 244 -11.29 41.33 19.18
C ASP A 244 -10.31 40.86 18.11
N THR A 245 -9.61 39.75 18.31
CA THR A 245 -8.61 39.30 17.36
C THR A 245 -9.17 38.44 16.23
N ILE A 246 -10.44 38.04 16.31
CA ILE A 246 -10.93 36.99 15.43
C ILE A 246 -10.78 37.38 13.96
N PHE A 247 -11.16 38.61 13.62
CA PHE A 247 -11.10 39.03 12.23
C PHE A 247 -9.67 39.10 11.70
N LYS A 248 -8.69 39.19 12.58
CA LYS A 248 -7.30 39.22 12.19
C LYS A 248 -6.72 37.83 11.99
N LEU A 249 -7.49 36.78 12.26
CA LEU A 249 -7.03 35.41 12.13
C LEU A 249 -7.35 34.79 10.78
N THR A 250 -7.95 35.47 9.85
CA THR A 250 -8.48 35.05 8.62
C THR A 250 -7.97 35.84 7.44
N ARG A 251 -7.77 35.16 6.30
CA ARG A 251 -7.41 35.87 5.07
C ARG A 251 -8.62 36.55 4.44
N GLU A 252 -9.81 36.10 4.65
CA GLU A 252 -11.02 36.58 4.13
C GLU A 252 -11.21 38.04 4.47
N ASN A 253 -11.90 38.78 3.61
CA ASN A 253 -12.21 40.18 3.82
C ASN A 253 -13.71 40.35 3.98
N PHE A 254 -14.16 40.98 5.02
CA PHE A 254 -15.48 41.25 5.43
C PHE A 254 -15.79 42.72 5.51
N SER A 255 -16.95 43.14 5.02
CA SER A 255 -17.40 44.51 5.24
C SER A 255 -17.60 44.75 6.73
N LYS A 256 -17.27 45.96 7.17
CA LYS A 256 -17.37 46.28 8.59
C LYS A 256 -18.74 45.95 9.15
N LYS A 257 -19.81 46.21 8.38
CA LYS A 257 -21.15 45.88 8.84
C LYS A 257 -21.28 44.37 9.09
N ILE A 258 -20.77 43.55 8.17
CA ILE A 258 -20.81 42.11 8.38
C ILE A 258 -19.98 41.74 9.60
N GLU A 259 -18.82 42.37 9.76
CA GLU A 259 -17.98 42.09 10.92
C GLU A 259 -18.69 42.45 12.21
N GLU A 260 -19.37 43.60 12.23
CA GLU A 260 -20.13 43.99 13.42
C GLU A 260 -21.23 42.97 13.72
N ALA A 261 -21.93 42.52 12.68
CA ALA A 261 -22.99 41.54 12.88
C ALA A 261 -22.43 40.26 13.48
N ILE A 262 -21.27 39.81 13.00
CA ILE A 262 -20.63 38.64 13.59
C ILE A 262 -20.31 38.92 15.06
N THR A 263 -19.77 40.10 15.34
CA THR A 263 -19.50 40.47 16.72
C THR A 263 -20.78 40.51 17.54
N ALA A 264 -21.85 41.09 16.97
CA ALA A 264 -23.11 41.16 17.70
C ALA A 264 -23.63 39.77 18.02
N ASP A 265 -23.59 38.84 17.12
CA ASP A 265 -23.91 37.47 17.30
C ASP A 265 -23.07 36.87 18.39
N ILE A 266 -21.78 37.17 18.33
CA ILE A 266 -20.85 36.67 19.35
C ILE A 266 -21.23 37.20 20.72
N GLN A 267 -21.70 38.45 20.80
CA GLN A 267 -22.08 39.02 22.08
C GLN A 267 -23.18 38.19 22.74
N LYS A 268 -24.14 37.72 22.02
CA LYS A 268 -25.13 36.81 22.45
C LYS A 268 -24.52 35.58 23.05
N GLU A 269 -23.61 34.96 22.38
CA GLU A 269 -22.84 33.86 22.77
C GLU A 269 -21.84 34.19 23.85
N LEU A 270 -21.48 35.47 23.97
CA LEU A 270 -20.61 35.92 25.04
C LEU A 270 -21.29 35.84 26.40
N ASN A 271 -22.60 35.65 26.44
CA ASN A 271 -23.31 35.54 27.71
C ASN A 271 -22.87 34.29 28.48
N ASN A 272 -23.04 34.34 29.80
CA ASN A 272 -22.73 33.20 30.66
C ASN A 272 -21.25 32.83 30.54
N GLY A 273 -20.92 31.88 29.68
CA GLY A 273 -19.54 31.47 29.54
C GLY A 273 -18.67 32.58 28.99
N LYS A 274 -17.41 32.61 29.46
CA LYS A 274 -16.44 33.61 29.03
C LYS A 274 -15.25 33.02 28.30
N THR A 275 -14.92 31.75 28.53
CA THR A 275 -13.70 31.15 28.00
C THR A 275 -13.97 30.66 26.58
N LEU A 276 -13.82 31.48 25.60
CA LEU A 276 -13.85 31.19 24.22
C LEU A 276 -12.66 30.34 23.84
N LEU A 277 -12.82 29.19 23.27
CA LEU A 277 -11.85 28.21 22.96
C LEU A 277 -12.10 27.52 21.65
N LEU A 278 -11.18 26.77 21.14
CA LEU A 278 -11.26 25.95 19.99
C LEU A 278 -12.36 24.93 20.11
N GLY A 279 -12.46 24.29 21.23
CA GLY A 279 -13.23 23.19 21.53
C GLY A 279 -12.57 21.90 21.75
N ASP A 280 -12.66 21.29 22.88
CA ASP A 280 -12.01 20.11 23.31
C ASP A 280 -12.66 19.51 24.53
N VAL A 281 -12.11 18.49 25.11
CA VAL A 281 -12.45 17.85 26.32
C VAL A 281 -12.50 18.90 27.40
N PRO A 282 -13.51 18.96 28.27
CA PRO A 282 -13.55 20.04 29.27
C PRO A 282 -12.31 20.13 30.15
N MET A 283 -11.46 19.17 30.23
CA MET A 283 -10.21 19.20 30.89
C MET A 283 -9.32 20.29 30.39
N LEU A 284 -9.49 20.73 29.19
CA LEU A 284 -8.76 21.73 28.51
C LEU A 284 -9.01 23.11 29.07
N GLY A 285 -10.28 23.45 29.26
CA GLY A 285 -10.64 24.80 29.62
C GLY A 285 -11.78 24.94 30.62
N ILE A 286 -12.19 23.82 31.23
CA ILE A 286 -13.24 23.84 32.25
C ILE A 286 -14.57 24.24 31.63
N GLU A 287 -15.67 23.81 32.27
CA GLU A 287 -17.01 23.92 31.69
C GLU A 287 -17.33 25.34 31.21
N ASN A 288 -16.61 26.34 31.70
CA ASN A 288 -16.80 27.71 31.24
C ASN A 288 -16.44 27.90 29.77
N TYR A 289 -15.97 26.93 29.06
CA TYR A 289 -15.50 26.94 27.73
C TYR A 289 -16.62 26.96 26.72
N VAL A 290 -16.48 27.61 25.61
CA VAL A 290 -17.30 27.66 24.46
C VAL A 290 -16.50 27.46 23.20
N SER A 291 -16.84 26.58 22.33
CA SER A 291 -16.17 26.21 21.13
C SER A 291 -16.39 27.21 20.04
N LEU A 292 -15.40 27.85 19.50
CA LEU A 292 -15.45 28.72 18.39
C LEU A 292 -16.06 28.06 17.19
N ARG A 293 -15.56 26.85 16.88
CA ARG A 293 -15.99 26.04 15.72
C ARG A 293 -17.50 25.83 15.74
N GLN A 294 -18.02 25.44 16.90
CA GLN A 294 -19.41 25.09 17.08
C GLN A 294 -20.29 26.30 16.85
N ILE A 295 -20.03 27.46 17.44
CA ILE A 295 -20.66 28.73 17.31
C ILE A 295 -20.76 29.12 15.86
N LEU A 296 -19.68 29.08 15.15
CA LEU A 296 -19.58 29.25 13.75
C LEU A 296 -20.47 28.27 13.04
N LYS A 297 -20.40 26.99 13.37
CA LYS A 297 -21.30 25.96 12.83
C LYS A 297 -22.75 26.27 13.20
N ASN A 298 -23.06 26.77 14.40
CA ASN A 298 -24.35 27.13 14.84
C ASN A 298 -24.96 28.19 13.96
N ILE A 299 -24.33 29.30 13.84
CA ILE A 299 -24.72 30.43 13.09
C ILE A 299 -25.02 30.04 11.67
N LYS A 300 -24.15 29.28 11.08
CA LYS A 300 -24.23 28.76 9.77
C LYS A 300 -25.55 28.05 9.55
N SER A 301 -25.81 27.09 10.43
CA SER A 301 -27.02 26.27 10.45
C SER A 301 -28.29 27.12 10.58
N ASN A 302 -28.31 28.08 11.52
CA ASN A 302 -29.45 28.96 11.76
C ASN A 302 -29.82 29.78 10.53
N GLN A 303 -28.83 30.37 9.85
CA GLN A 303 -28.98 31.18 8.71
C GLN A 303 -29.61 30.42 7.58
N LYS A 304 -29.07 29.23 7.31
CA LYS A 304 -29.57 28.32 6.27
C LYS A 304 -31.00 27.89 6.57
N LYS A 305 -31.28 27.45 7.80
CA LYS A 305 -32.63 27.07 8.23
C LYS A 305 -33.61 28.21 8.01
N ALA A 306 -33.33 29.42 8.51
CA ALA A 306 -34.15 30.57 8.40
C ALA A 306 -34.44 30.90 6.97
N PHE A 307 -33.44 30.95 6.15
CA PHE A 307 -33.51 31.13 4.76
C PHE A 307 -34.38 30.09 4.11
N SER A 308 -34.18 28.82 4.46
CA SER A 308 -34.93 27.70 3.86
C SER A 308 -36.42 27.86 4.05
N ASP A 309 -36.84 28.21 5.25
CA ASP A 309 -38.25 28.35 5.53
C ASP A 309 -38.84 29.60 4.85
N LEU A 310 -38.09 30.70 4.68
CA LEU A 310 -38.46 31.82 3.91
C LEU A 310 -38.74 31.43 2.48
N MET A 311 -37.89 30.64 1.91
CA MET A 311 -38.02 30.06 0.62
C MET A 311 -39.32 29.32 0.47
N GLN A 312 -39.57 28.41 1.40
CA GLN A 312 -40.78 27.59 1.40
C GLN A 312 -42.05 28.43 1.55
N SER A 313 -41.97 29.54 2.29
CA SER A 313 -43.10 30.46 2.51
C SER A 313 -43.48 31.30 1.28
N GLY A 314 -42.62 31.45 0.27
CA GLY A 314 -42.90 32.16 -0.87
C GLY A 314 -42.95 33.63 -0.81
N LYS A 315 -42.14 34.25 -0.03
CA LYS A 315 -41.96 35.63 0.14
C LYS A 315 -41.15 36.23 -0.99
N ASN A 316 -40.90 37.50 -1.00
CA ASN A 316 -40.29 38.31 -1.99
C ASN A 316 -38.96 38.88 -1.56
N TYR A 317 -38.33 39.63 -2.48
CA TYR A 317 -37.05 40.26 -2.17
C TYR A 317 -37.19 41.27 -1.04
N ASN A 318 -38.25 42.08 -1.07
CA ASN A 318 -38.43 43.09 -0.03
C ASN A 318 -38.53 42.43 1.34
N GLU A 319 -39.24 41.35 1.49
CA GLU A 319 -39.32 40.55 2.65
C GLU A 319 -37.95 40.13 3.11
N LEU A 320 -37.15 39.62 2.24
CA LEU A 320 -35.81 39.22 2.43
C LEU A 320 -34.98 40.34 2.99
N LYS A 321 -35.10 41.52 2.36
CA LYS A 321 -34.34 42.68 2.82
C LYS A 321 -34.74 43.08 4.24
N ALA A 322 -36.03 42.94 4.58
CA ALA A 322 -36.50 43.30 5.91
C ALA A 322 -36.06 42.32 6.98
N THR A 323 -35.58 41.16 6.67
CA THR A 323 -35.14 40.14 7.53
C THR A 323 -33.79 40.42 8.14
N ASN A 324 -33.31 39.61 9.01
CA ASN A 324 -32.07 39.60 9.68
C ASN A 324 -31.01 38.72 9.04
N LEU A 325 -31.23 38.14 7.92
CA LEU A 325 -30.37 37.27 7.21
C LEU A 325 -29.18 38.01 6.68
N TYR A 326 -28.36 38.59 7.49
CA TYR A 326 -27.24 39.39 7.17
C TYR A 326 -26.34 38.75 6.16
N LEU A 327 -26.16 37.46 6.20
CA LEU A 327 -25.40 36.68 5.31
C LEU A 327 -25.98 36.59 3.93
N LEU A 328 -27.26 36.71 3.78
CA LEU A 328 -28.05 36.46 2.63
C LEU A 328 -28.83 37.63 2.11
N ASN A 329 -29.33 38.45 3.04
CA ASN A 329 -30.11 39.62 2.63
C ASN A 329 -29.30 40.55 1.74
N THR A 330 -27.96 40.47 1.81
CA THR A 330 -27.10 41.22 0.91
C THR A 330 -27.09 40.65 -0.50
N ILE A 331 -27.63 39.50 -0.77
CA ILE A 331 -27.68 38.84 -2.02
C ILE A 331 -28.43 39.68 -3.03
N GLU A 332 -28.05 39.69 -4.25
CA GLU A 332 -28.61 40.40 -5.33
C GLU A 332 -30.03 39.99 -5.60
N GLN A 333 -30.88 40.87 -6.04
CA GLN A 333 -32.18 40.61 -6.53
C GLN A 333 -32.18 39.60 -7.64
N ARG A 334 -31.21 39.65 -8.50
CA ARG A 334 -31.02 38.81 -9.61
C ARG A 334 -30.87 37.36 -9.23
N GLN A 335 -29.96 37.05 -8.37
CA GLN A 335 -29.54 35.75 -8.02
C GLN A 335 -30.66 34.90 -7.49
N PHE A 336 -31.33 35.33 -6.48
CA PHE A 336 -32.38 34.65 -5.80
C PHE A 336 -33.47 34.24 -6.75
N ASP A 337 -33.70 35.00 -7.77
CA ASP A 337 -34.59 34.72 -8.84
C ASP A 337 -34.35 33.33 -9.36
N ASN A 338 -33.14 33.00 -9.65
CA ASN A 338 -32.68 31.72 -10.03
C ASN A 338 -33.03 30.68 -9.00
N TYR A 339 -32.64 30.99 -7.77
CA TYR A 339 -32.78 30.09 -6.66
C TYR A 339 -34.24 29.75 -6.37
N LYS A 340 -35.18 30.71 -6.33
CA LYS A 340 -36.57 30.60 -6.19
C LYS A 340 -37.18 29.82 -7.32
N VAL A 341 -36.84 30.14 -8.53
CA VAL A 341 -37.18 29.47 -9.72
C VAL A 341 -36.81 28.01 -9.62
N LYS A 342 -35.58 27.73 -9.32
CA LYS A 342 -35.04 26.46 -9.05
C LYS A 342 -35.77 25.77 -7.93
N THR A 343 -36.02 26.44 -6.86
CA THR A 343 -36.79 26.02 -5.76
C THR A 343 -38.17 25.63 -6.19
N ASN A 344 -38.80 26.43 -6.97
CA ASN A 344 -40.05 26.19 -7.59
C ASN A 344 -40.05 24.89 -8.34
N GLU A 345 -39.05 24.64 -9.13
CA GLU A 345 -38.79 23.43 -9.80
C GLU A 345 -38.86 22.27 -8.85
N LEU A 346 -38.17 22.35 -7.72
CA LEU A 346 -38.20 21.26 -6.74
C LEU A 346 -39.63 21.00 -6.25
N GLU A 347 -40.39 22.06 -5.98
CA GLU A 347 -41.79 21.92 -5.56
C GLU A 347 -42.63 21.16 -6.58
N LYS A 348 -42.52 21.50 -7.87
CA LYS A 348 -43.21 20.92 -8.96
C LYS A 348 -42.88 19.47 -9.10
N LEU A 349 -41.62 19.14 -9.11
CA LEU A 349 -41.10 17.83 -9.14
C LEU A 349 -41.58 17.00 -7.99
N ALA A 350 -41.68 17.61 -6.81
CA ALA A 350 -42.10 16.91 -5.61
C ALA A 350 -43.52 16.37 -5.75
N VAL A 351 -44.48 17.15 -6.29
CA VAL A 351 -45.87 16.65 -6.46
C VAL A 351 -45.93 15.43 -7.39
N LYS A 352 -45.13 15.41 -8.46
CA LYS A 352 -44.91 14.35 -9.36
C LYS A 352 -44.46 13.09 -8.67
N ILE A 353 -43.58 13.22 -7.66
CA ILE A 353 -43.20 12.14 -6.74
C ILE A 353 -44.26 11.83 -5.64
N ASN A 354 -45.02 12.81 -5.14
CA ASN A 354 -46.13 12.55 -4.19
C ASN A 354 -47.17 11.60 -4.79
N GLN A 355 -47.33 11.65 -6.11
CA GLN A 355 -48.47 11.14 -6.82
C GLN A 355 -48.07 10.20 -7.95
N ALA A 356 -48.96 9.29 -8.33
CA ALA A 356 -48.93 8.36 -9.39
C ALA A 356 -47.90 7.26 -9.24
N THR A 357 -47.03 7.35 -8.28
CA THR A 357 -46.22 6.33 -7.74
C THR A 357 -45.80 5.31 -8.78
N ASN A 358 -45.17 5.71 -9.84
CA ASN A 358 -44.59 4.95 -10.89
C ASN A 358 -43.09 4.89 -10.76
N ASP A 359 -42.49 3.78 -10.54
CA ASP A 359 -41.14 3.58 -10.17
C ASP A 359 -40.17 4.21 -11.14
N ASN A 360 -40.22 3.82 -12.37
CA ASN A 360 -39.31 4.17 -13.40
C ASN A 360 -39.16 5.67 -13.53
N GLN A 361 -40.24 6.37 -13.67
CA GLN A 361 -40.34 7.78 -13.70
C GLN A 361 -39.99 8.39 -12.35
N LYS A 362 -40.43 7.77 -11.25
CA LYS A 362 -40.12 8.25 -9.88
C LYS A 362 -38.63 8.28 -9.67
N LYS A 363 -37.89 7.24 -10.06
CA LYS A 363 -36.48 7.20 -10.06
C LYS A 363 -35.89 8.28 -10.93
N GLU A 364 -36.37 8.41 -12.13
CA GLU A 364 -36.03 9.39 -13.08
C GLU A 364 -36.21 10.78 -12.52
N LEU A 365 -37.34 11.06 -11.95
CA LEU A 365 -37.67 12.25 -11.28
C LEU A 365 -36.71 12.55 -10.17
N ILE A 366 -36.41 11.55 -9.33
CA ILE A 366 -35.47 11.68 -8.22
C ILE A 366 -34.10 12.11 -8.73
N SER A 367 -33.61 11.50 -9.81
CA SER A 367 -32.40 11.81 -10.46
C SER A 367 -32.32 13.27 -10.82
N ASN A 368 -33.28 13.76 -11.53
CA ASN A 368 -33.41 15.10 -11.97
C ASN A 368 -33.30 16.07 -10.82
N LYS A 369 -34.13 15.84 -9.80
CA LYS A 369 -34.14 16.63 -8.56
C LYS A 369 -32.75 16.70 -7.95
N GLN A 370 -32.04 15.60 -7.88
CA GLN A 370 -30.71 15.45 -7.43
C GLN A 370 -29.79 16.36 -8.18
N ARG A 371 -29.84 16.34 -9.47
CA ARG A 371 -29.19 17.23 -10.37
C ARG A 371 -29.55 18.66 -10.05
N VAL A 372 -30.80 18.96 -9.98
CA VAL A 372 -31.35 20.22 -9.65
C VAL A 372 -30.73 20.74 -8.38
N ALA A 373 -30.67 19.92 -7.35
CA ALA A 373 -30.07 20.23 -6.07
C ALA A 373 -28.56 20.46 -6.19
N LYS A 374 -27.88 19.74 -7.08
CA LYS A 374 -26.49 19.81 -7.30
C LYS A 374 -26.06 21.20 -7.69
N GLN A 375 -26.59 21.71 -8.75
CA GLN A 375 -26.39 23.03 -9.21
C GLN A 375 -26.84 24.06 -8.22
N ARG A 376 -27.98 23.83 -7.54
CA ARG A 376 -28.48 24.74 -6.49
C ARG A 376 -27.43 24.96 -5.44
N GLY A 377 -26.80 23.88 -4.97
CA GLY A 377 -25.71 23.98 -4.14
C GLY A 377 -24.55 24.72 -4.67
N ILE A 378 -24.23 24.48 -5.90
CA ILE A 378 -23.28 25.18 -6.68
C ILE A 378 -23.57 26.66 -6.66
N ILE A 379 -24.79 27.02 -6.93
CA ILE A 379 -25.31 28.33 -6.95
C ILE A 379 -25.08 29.01 -5.63
N MET A 380 -25.56 28.43 -4.57
CA MET A 380 -25.46 28.89 -3.24
C MET A 380 -24.03 29.00 -2.80
N ARG A 381 -23.26 27.99 -2.99
CA ARG A 381 -21.91 27.85 -2.63
C ARG A 381 -21.04 28.91 -3.27
N ASP A 382 -21.18 29.12 -4.53
CA ASP A 382 -20.37 29.86 -5.41
C ASP A 382 -20.79 31.28 -5.68
N ASN A 383 -22.04 31.56 -5.81
CA ASN A 383 -22.64 32.79 -6.17
C ASN A 383 -22.94 33.73 -5.04
N PHE A 384 -22.86 33.32 -3.82
CA PHE A 384 -23.11 34.02 -2.61
C PHE A 384 -21.81 34.42 -1.96
N ALA A 385 -21.38 35.67 -2.13
CA ALA A 385 -20.07 36.08 -1.63
C ALA A 385 -20.00 36.00 -0.12
N THR A 386 -20.90 36.59 0.60
CA THR A 386 -20.99 36.60 2.01
C THR A 386 -21.01 35.21 2.57
N TRP A 387 -21.86 34.38 2.07
CA TRP A 387 -21.97 33.00 2.34
C TRP A 387 -20.69 32.27 2.04
N LYS A 388 -20.21 32.38 0.84
CA LYS A 388 -19.03 31.79 0.34
C LYS A 388 -17.82 32.16 1.15
N SER A 389 -17.63 33.41 1.40
CA SER A 389 -16.58 33.98 2.17
C SER A 389 -16.54 33.39 3.55
N PHE A 390 -17.63 33.38 4.24
CA PHE A 390 -17.82 32.82 5.51
C PHE A 390 -17.49 31.35 5.53
N SER A 391 -17.91 30.63 4.54
CA SER A 391 -17.61 29.27 4.30
C SER A 391 -16.13 29.02 4.34
N ASN A 392 -15.38 29.78 3.62
CA ASN A 392 -13.97 29.82 3.61
C ASN A 392 -13.41 30.09 4.98
N PHE A 393 -13.94 31.07 5.65
CA PHE A 393 -13.63 31.47 6.97
C PHE A 393 -13.73 30.32 7.94
N TYR A 394 -14.85 29.59 7.91
CA TYR A 394 -15.08 28.39 8.72
C TYR A 394 -14.09 27.28 8.37
N ARG A 395 -13.88 27.05 7.07
CA ARG A 395 -12.91 26.08 6.58
C ARG A 395 -11.48 26.47 6.95
N THR A 396 -11.22 27.72 7.34
CA THR A 396 -9.97 28.23 7.77
C THR A 396 -9.69 27.92 9.23
N ILE A 397 -10.56 28.31 10.11
CA ILE A 397 -10.49 28.17 11.52
C ILE A 397 -10.30 26.73 11.89
N SER A 398 -10.89 25.79 11.14
CA SER A 398 -10.84 24.36 11.47
C SER A 398 -9.43 23.76 11.31
N GLN A 399 -8.59 24.34 10.47
CA GLN A 399 -7.28 23.76 10.18
C GLN A 399 -6.36 23.80 11.41
N GLU A 400 -6.26 24.95 12.09
CA GLU A 400 -5.50 25.15 13.26
C GLU A 400 -5.94 24.25 14.37
N HIS A 401 -7.21 24.21 14.64
CA HIS A 401 -7.86 23.33 15.54
C HIS A 401 -7.43 21.91 15.29
N GLY A 402 -7.43 21.48 14.01
CA GLY A 402 -6.97 20.15 13.61
C GLY A 402 -5.48 19.91 13.85
N LYS A 403 -4.62 20.88 13.50
CA LYS A 403 -3.17 20.81 13.74
C LYS A 403 -2.87 20.67 15.23
N ILE A 404 -3.41 21.55 16.09
CA ILE A 404 -3.22 21.50 17.49
C ILE A 404 -3.78 20.24 18.08
N LEU A 405 -4.95 19.78 17.63
CA LEU A 405 -5.57 18.55 18.14
C LEU A 405 -4.68 17.32 17.91
N ALA A 406 -4.07 17.22 16.74
CA ALA A 406 -3.10 16.17 16.46
C ALA A 406 -1.95 16.19 17.49
N LEU A 407 -1.47 17.38 17.89
CA LEU A 407 -0.42 17.57 18.81
C LEU A 407 -0.78 17.05 20.19
N LEU A 408 -1.91 17.41 20.69
CA LEU A 408 -2.45 17.01 21.93
C LEU A 408 -2.57 15.51 22.04
N LYS A 409 -3.18 14.92 21.02
CA LYS A 409 -3.39 13.47 20.94
C LYS A 409 -2.07 12.73 20.98
N GLY A 410 -1.11 13.16 20.16
CA GLY A 410 0.24 12.60 20.16
C GLY A 410 0.89 12.68 21.53
N ILE A 411 0.90 13.85 22.16
CA ILE A 411 1.49 14.16 23.41
C ILE A 411 0.93 13.30 24.50
N GLU A 412 -0.36 13.30 24.66
CA GLU A 412 -1.09 12.56 25.62
C GLU A 412 -0.87 11.08 25.50
N LYS A 413 -0.97 10.55 24.26
CA LYS A 413 -0.75 9.13 23.97
C LYS A 413 0.68 8.71 24.29
N GLU A 414 1.65 9.54 23.92
CA GLU A 414 3.05 9.35 24.28
C GLU A 414 3.26 9.52 25.79
N ARG A 415 2.60 10.50 26.43
CA ARG A 415 2.67 10.83 27.80
C ARG A 415 1.95 9.82 28.66
N THR A 416 2.24 8.58 28.60
CA THR A 416 1.75 7.51 29.39
C THR A 416 2.24 7.68 30.80
N GLU A 417 1.45 8.11 31.74
CA GLU A 417 1.79 8.44 33.07
C GLU A 417 2.49 7.31 33.78
N SER A 418 2.22 6.10 33.44
CA SER A 418 2.74 4.85 33.90
C SER A 418 3.30 4.00 32.80
N GLN A 419 4.04 4.53 31.89
CA GLN A 419 4.48 3.95 30.69
C GLN A 419 5.18 2.63 30.94
N LEU A 420 4.92 1.60 30.22
CA LEU A 420 5.31 0.25 30.41
C LEU A 420 6.80 0.04 30.34
N LEU A 421 7.57 0.92 29.81
CA LEU A 421 8.97 0.89 29.67
C LEU A 421 9.64 0.87 31.01
N LYS A 422 9.95 -0.24 31.60
CA LYS A 422 10.45 -0.45 32.91
C LYS A 422 11.53 -1.49 33.05
N TYR A 423 12.15 -1.96 32.01
CA TYR A 423 13.06 -3.03 31.93
C TYR A 423 14.22 -2.81 30.99
N TRP A 424 15.41 -3.22 31.31
CA TRP A 424 16.62 -3.18 30.61
C TRP A 424 16.86 -4.47 29.88
N ALA A 425 17.04 -4.50 28.60
CA ALA A 425 17.15 -5.61 27.72
C ALA A 425 18.57 -6.07 27.54
N LEU A 426 18.88 -7.32 27.69
CA LEU A 426 20.10 -8.00 27.52
C LEU A 426 20.00 -9.12 26.53
N ILE A 427 21.07 -9.62 26.01
CA ILE A 427 21.25 -10.70 25.11
C ILE A 427 22.13 -11.78 25.68
N LEU A 428 21.65 -13.03 25.71
CA LEU A 428 22.42 -14.17 26.17
C LEU A 428 22.39 -15.25 25.11
N GLU A 429 23.56 -15.77 24.76
CA GLU A 429 23.71 -16.84 23.77
C GLU A 429 24.15 -18.11 24.47
N ASN A 430 23.61 -19.24 24.04
CA ASN A 430 23.94 -20.53 24.63
C ASN A 430 23.58 -21.64 23.67
N ASN A 431 24.57 -22.46 23.30
CA ASN A 431 24.34 -23.64 22.47
C ASN A 431 23.66 -23.28 21.16
N GLY A 432 24.10 -22.26 20.49
CA GLY A 432 23.60 -21.83 19.29
C GLY A 432 22.25 -21.25 19.24
N GLN A 433 21.72 -20.86 20.35
CA GLN A 433 20.44 -20.29 20.60
C GLN A 433 20.51 -19.06 21.46
N HIS A 434 19.76 -18.04 21.21
CA HIS A 434 19.72 -16.77 21.82
C HIS A 434 18.58 -16.62 22.78
N LYS A 435 18.74 -16.05 23.93
CA LYS A 435 17.84 -15.83 24.99
C LYS A 435 17.70 -14.38 25.34
N LEU A 436 16.57 -13.90 25.72
CA LEU A 436 16.23 -12.60 26.15
C LEU A 436 16.23 -12.49 27.66
N ILE A 437 16.69 -11.43 28.24
CA ILE A 437 16.74 -11.08 29.61
C ILE A 437 16.23 -9.69 29.86
N LEU A 438 15.35 -9.45 30.76
CA LEU A 438 14.79 -8.24 31.22
C LEU A 438 15.08 -8.01 32.68
N ILE A 439 15.70 -6.96 33.09
CA ILE A 439 16.16 -6.58 34.38
C ILE A 439 15.30 -5.49 34.95
N PRO A 440 14.90 -5.52 36.23
CA PRO A 440 14.29 -4.37 36.84
C PRO A 440 15.18 -3.15 36.85
N ARG A 441 14.66 -1.98 36.70
CA ARG A 441 15.34 -0.74 36.63
C ARG A 441 16.18 -0.47 37.86
N GLU A 442 15.65 -0.65 39.02
CA GLU A 442 16.30 -0.45 40.27
C GLU A 442 17.58 -1.22 40.38
N LYS A 443 17.61 -2.44 39.98
CA LYS A 443 18.70 -3.35 39.95
C LYS A 443 19.66 -3.11 38.84
N ALA A 444 19.32 -2.36 37.84
CA ALA A 444 20.05 -2.10 36.66
C ALA A 444 21.46 -1.65 36.96
N ALA A 445 21.60 -0.59 37.69
CA ALA A 445 22.80 0.05 38.06
C ALA A 445 23.83 -0.92 38.56
N SER A 446 23.59 -1.53 39.67
CA SER A 446 24.41 -2.47 40.32
C SER A 446 24.80 -3.60 39.41
N CYS A 447 23.91 -4.02 38.56
CA CYS A 447 24.05 -5.08 37.63
C CYS A 447 25.23 -4.88 36.72
N LYS A 448 25.32 -3.75 36.10
CA LYS A 448 26.36 -3.33 35.24
C LYS A 448 27.70 -3.40 35.91
N GLN A 449 27.80 -2.86 37.09
CA GLN A 449 28.93 -2.88 37.94
C GLN A 449 29.49 -4.27 38.07
N TRP A 450 28.62 -5.18 38.49
CA TRP A 450 29.00 -6.58 38.57
C TRP A 450 29.37 -7.13 37.20
N ILE A 451 28.68 -6.79 36.17
CA ILE A 451 28.86 -7.20 34.83
C ILE A 451 30.24 -6.87 34.33
N ALA A 452 30.60 -5.59 34.51
CA ALA A 452 31.84 -5.07 33.94
C ALA A 452 33.09 -5.74 34.49
N SER A 453 32.99 -6.44 35.61
CA SER A 453 34.15 -7.02 36.28
C SER A 453 34.57 -8.36 35.70
N LEU A 454 33.86 -8.87 34.71
CA LEU A 454 34.10 -10.23 34.21
C LEU A 454 35.04 -10.21 33.01
N ASN A 455 35.48 -11.41 32.62
CA ASN A 455 36.44 -11.54 31.55
C ASN A 455 35.83 -11.10 30.22
N PRO A 456 36.65 -10.64 29.28
CA PRO A 456 36.11 -10.10 28.03
C PRO A 456 35.83 -11.14 26.96
N SER A 457 36.57 -12.24 26.96
CA SER A 457 36.51 -13.20 25.88
C SER A 457 36.67 -14.62 26.42
N GLY A 458 36.47 -15.58 25.54
CA GLY A 458 36.58 -16.98 25.89
C GLY A 458 35.59 -17.81 25.10
N ASP A 459 35.69 -19.12 25.30
CA ASP A 459 34.81 -20.10 24.66
C ASP A 459 34.14 -20.98 25.71
N LYS A 460 33.77 -20.38 26.84
CA LYS A 460 33.18 -21.12 27.95
C LYS A 460 31.68 -21.30 27.77
N LEU A 461 31.26 -21.78 26.61
CA LEU A 461 29.85 -22.08 26.37
C LEU A 461 28.99 -20.83 26.51
N THR A 462 28.76 -20.41 27.75
CA THR A 462 27.86 -19.29 28.01
C THR A 462 28.51 -17.98 27.57
N LYS A 463 27.68 -17.10 27.01
CA LYS A 463 28.12 -15.78 26.59
C LYS A 463 27.04 -14.77 26.94
N LEU A 464 27.45 -13.53 27.18
CA LEU A 464 26.53 -12.45 27.51
C LEU A 464 26.79 -11.27 26.58
N PHE A 465 25.77 -10.47 26.32
CA PHE A 465 25.85 -9.33 25.42
C PHE A 465 25.06 -8.16 25.98
N TRP A 466 25.41 -6.96 25.66
CA TRP A 466 24.72 -5.74 25.87
C TRP A 466 25.13 -4.67 24.89
N PHE A 467 24.36 -3.65 24.69
CA PHE A 467 24.49 -2.57 23.80
C PHE A 467 24.75 -1.25 24.47
N GLU A 468 25.58 -0.41 23.94
CA GLU A 468 25.80 0.96 24.22
C GLU A 468 26.09 1.75 22.97
N SER A 469 25.44 2.89 22.80
CA SER A 469 25.72 3.79 21.69
C SER A 469 25.25 5.22 22.00
N LEU A 470 25.77 6.16 21.24
CA LEU A 470 25.42 7.58 21.26
C LEU A 470 25.06 7.99 19.83
N THR A 471 24.09 8.90 19.65
CA THR A 471 23.58 9.22 18.31
C THR A 471 23.57 10.69 18.03
N TYR A 472 23.80 11.06 16.78
CA TYR A 472 23.75 12.37 16.29
C TYR A 472 22.50 13.07 16.76
N ARG A 473 21.36 12.37 16.65
CA ARG A 473 20.05 12.90 17.07
C ARG A 473 20.03 13.23 18.57
N SER A 474 20.67 12.39 19.39
CA SER A 474 20.79 12.62 20.82
C SER A 474 21.67 13.81 21.15
N LEU A 475 22.78 14.05 20.44
CA LEU A 475 23.62 15.16 20.59
C LEU A 475 22.85 16.44 20.56
N GLN A 476 22.03 16.63 19.59
CA GLN A 476 21.15 17.72 19.41
C GLN A 476 20.34 17.97 20.65
N LYS A 477 19.64 16.91 21.11
CA LYS A 477 18.79 16.90 22.30
C LYS A 477 19.58 17.04 23.61
N LEU A 478 20.86 16.71 23.59
CA LEU A 478 21.79 16.91 24.69
C LEU A 478 22.30 18.35 24.70
N CYS A 479 22.78 18.85 23.55
CA CYS A 479 23.37 20.12 23.40
C CYS A 479 22.42 21.28 23.54
N PHE A 480 21.16 21.09 23.33
CA PHE A 480 20.11 22.03 23.27
C PHE A 480 18.79 21.48 23.74
N GLY A 481 17.72 22.14 23.51
CA GLY A 481 16.44 21.81 23.87
C GLY A 481 15.84 22.46 25.05
N PHE A 482 15.83 21.86 26.18
CA PHE A 482 15.37 22.33 27.44
C PHE A 482 16.21 23.47 27.97
N THR A 483 17.27 23.81 27.32
CA THR A 483 18.16 24.87 27.64
C THR A 483 17.42 26.14 27.95
N GLU A 484 16.49 26.51 27.12
CA GLU A 484 15.65 27.63 27.24
C GLU A 484 14.77 27.57 28.47
N ASN A 485 14.50 26.42 28.98
CA ASN A 485 13.73 26.12 30.12
C ASN A 485 14.47 26.19 31.43
N GLY A 486 15.76 26.26 31.43
CA GLY A 486 16.55 26.24 32.54
C GLY A 486 16.66 25.02 33.34
N ASN A 487 16.43 23.89 32.77
CA ASN A 487 16.46 22.57 33.28
C ASN A 487 17.68 21.76 32.95
N ASN A 488 18.07 21.69 31.68
CA ASN A 488 19.20 20.89 31.23
C ASN A 488 20.51 21.33 31.91
N LYS A 489 21.18 20.45 32.67
CA LYS A 489 22.42 20.78 33.40
C LYS A 489 23.70 20.57 32.61
N PHE A 490 23.67 19.87 31.48
CA PHE A 490 24.83 19.69 30.60
C PHE A 490 25.31 21.02 30.00
N ASN A 491 24.41 21.80 29.41
CA ASN A 491 24.67 23.02 28.75
C ASN A 491 25.06 24.12 29.68
N LYS A 492 24.61 24.11 30.89
CA LYS A 492 25.00 24.93 31.96
C LYS A 492 26.49 24.87 32.20
N ASN A 493 27.09 23.69 32.01
CA ASN A 493 28.52 23.44 32.26
C ASN A 493 29.41 23.72 31.03
N ILE A 494 28.84 24.02 29.86
CA ILE A 494 29.46 24.34 28.62
C ILE A 494 29.02 25.64 28.00
N GLN A 495 28.42 26.53 28.72
CA GLN A 495 27.98 27.80 28.31
C GLN A 495 29.05 28.53 27.54
N ASN A 496 30.26 28.43 27.96
CA ASN A 496 31.42 29.04 27.41
C ASN A 496 31.73 28.58 26.00
N LEU A 497 31.60 27.32 25.71
CA LEU A 497 31.77 26.74 24.43
C LEU A 497 30.91 27.40 23.37
N LEU A 498 29.76 27.86 23.71
CA LEU A 498 28.78 28.45 22.88
C LEU A 498 29.32 29.65 22.14
N ASN A 508 22.98 31.77 22.55
CA ASN A 508 23.33 31.12 21.30
C ASN A 508 22.82 29.68 21.25
N GLY A 509 21.58 29.51 20.78
CA GLY A 509 21.01 28.20 20.59
C GLY A 509 21.38 27.61 19.24
N GLU A 510 20.85 26.47 18.93
CA GLU A 510 20.96 25.80 17.69
C GLU A 510 20.64 26.71 16.54
N PHE A 511 19.59 27.51 16.73
CA PHE A 511 19.20 28.47 15.71
C PHE A 511 20.30 29.47 15.41
N ALA A 512 21.16 29.78 16.40
CA ALA A 512 22.27 30.69 16.15
C ALA A 512 23.18 30.19 15.04
N PHE A 513 23.20 28.88 14.80
CA PHE A 513 24.03 28.28 13.75
C PHE A 513 23.27 28.36 12.42
N GLN A 514 23.31 29.54 11.81
CA GLN A 514 22.56 29.83 10.61
C GLN A 514 23.48 29.78 9.39
N GLY A 515 23.17 28.89 8.46
CA GLY A 515 23.90 28.83 7.20
C GLY A 515 25.39 28.63 7.36
N ASP A 516 25.80 27.80 8.31
CA ASP A 516 27.23 27.57 8.55
C ASP A 516 27.40 26.15 9.09
N GLU A 517 27.71 25.21 8.21
CA GLU A 517 27.99 23.85 8.65
C GLU A 517 29.32 23.77 9.37
N GLN A 518 30.30 24.56 8.93
CA GLN A 518 31.60 24.57 9.59
C GLN A 518 31.48 25.00 11.04
N LYS A 519 30.50 25.86 11.35
CA LYS A 519 30.30 26.29 12.73
C LYS A 519 29.82 25.13 13.59
N LYS A 520 28.78 24.43 13.15
CA LYS A 520 28.24 23.33 13.94
C LYS A 520 29.27 22.23 14.12
N ILE A 521 29.94 21.84 13.04
CA ILE A 521 30.88 20.73 13.11
C ILE A 521 32.00 21.05 14.09
N LYS A 522 32.55 22.25 14.00
CA LYS A 522 33.61 22.64 14.93
C LYS A 522 33.08 22.81 16.34
N PHE A 523 31.92 23.35 16.54
CA PHE A 523 31.22 23.43 17.76
C PHE A 523 31.17 22.08 18.44
N TYR A 524 30.71 21.08 17.75
CA TYR A 524 30.62 19.74 18.16
C TYR A 524 31.96 19.17 18.53
N GLN A 525 32.92 19.33 17.60
CA GLN A 525 34.25 18.78 17.81
C GLN A 525 34.82 19.24 19.16
N SER A 526 34.67 20.48 19.52
CA SER A 526 35.01 21.04 20.76
C SER A 526 34.33 20.33 21.90
N VAL A 527 33.06 20.11 21.79
CA VAL A 527 32.23 19.45 22.72
C VAL A 527 32.79 18.11 23.07
N LEU A 528 33.07 17.30 22.11
CA LEU A 528 33.75 16.08 22.20
C LEU A 528 35.12 16.25 22.79
N GLU A 529 35.89 17.15 22.27
CA GLU A 529 37.17 17.53 22.71
C GLU A 529 37.16 17.91 24.17
N SER A 530 36.12 18.54 24.62
CA SER A 530 35.85 18.88 25.95
C SER A 530 35.99 17.69 26.85
N LYS A 531 36.97 17.60 27.69
CA LYS A 531 37.19 16.56 28.62
C LYS A 531 35.98 16.30 29.48
N TYR A 532 35.30 17.37 29.90
CA TYR A 532 34.08 17.29 30.71
C TYR A 532 33.08 16.33 30.06
N ALA A 533 32.85 16.48 28.77
CA ALA A 533 32.06 15.64 27.96
C ALA A 533 32.56 14.22 28.00
N GLN A 534 33.83 14.03 27.81
CA GLN A 534 34.52 12.80 27.85
C GLN A 534 34.43 12.13 29.20
N SER A 535 34.12 12.86 30.28
CA SER A 535 34.04 12.29 31.63
C SER A 535 32.73 11.55 31.90
N VAL A 536 31.70 11.72 31.07
CA VAL A 536 30.36 11.13 31.30
C VAL A 536 29.72 10.53 30.05
N LEU A 537 30.00 11.04 28.85
CA LEU A 537 29.56 10.41 27.61
C LEU A 537 30.41 9.19 27.32
N ASN A 538 29.81 8.00 27.33
CA ASN A 538 30.55 6.77 27.10
C ASN A 538 30.88 6.60 25.61
N ILE A 539 32.03 7.11 25.18
CA ILE A 539 32.49 7.14 23.80
C ILE A 539 33.88 6.48 23.68
N PRO A 540 34.28 5.96 22.51
CA PRO A 540 35.62 5.53 22.18
C PRO A 540 36.60 6.66 22.04
N ILE A 541 37.18 7.17 23.08
CA ILE A 541 37.95 8.35 23.14
C ILE A 541 39.01 8.36 22.07
N GLN A 542 39.78 7.33 21.99
CA GLN A 542 40.86 7.15 21.09
C GLN A 542 40.39 7.23 19.66
N GLN A 543 39.33 6.56 19.33
CA GLN A 543 38.75 6.45 18.04
C GLN A 543 38.19 7.76 17.56
N VAL A 544 37.39 8.40 18.35
CA VAL A 544 36.85 9.69 18.12
C VAL A 544 37.94 10.69 17.82
N GLN A 545 38.98 10.69 18.60
CA GLN A 545 40.13 11.49 18.47
C GLN A 545 40.80 11.30 17.14
N ALA A 546 41.04 10.04 16.80
CA ALA A 546 41.82 9.73 15.60
C ALA A 546 41.08 10.14 14.33
N ASP A 547 39.77 9.93 14.28
CA ASP A 547 39.00 10.12 13.05
C ASP A 547 38.06 11.30 13.08
N ILE A 548 37.39 11.61 14.15
CA ILE A 548 36.41 12.60 14.32
C ILE A 548 37.03 13.95 14.60
N ILE A 549 37.66 14.10 15.71
CA ILE A 549 38.32 15.26 16.17
C ILE A 549 39.39 15.69 15.21
N ASN A 550 40.17 14.71 14.76
CA ASN A 550 41.34 14.97 13.94
C ASN A 550 41.01 15.37 12.50
N GLN A 551 39.89 14.92 11.96
CA GLN A 551 39.61 15.06 10.53
C GLN A 551 38.50 16.08 10.30
N SER A 552 38.48 16.61 9.08
CA SER A 552 37.46 17.54 8.62
C SER A 552 36.56 16.83 7.64
N PHE A 553 35.41 17.44 7.36
CA PHE A 553 34.38 16.82 6.55
C PHE A 553 33.82 17.83 5.55
N ALA A 554 33.56 17.36 4.33
CA ALA A 554 33.07 18.24 3.28
C ALA A 554 31.71 18.82 3.62
N SER A 555 30.81 18.00 4.17
CA SER A 555 29.45 18.41 4.45
C SER A 555 29.03 17.86 5.81
N LEU A 556 27.93 18.42 6.33
CA LEU A 556 27.47 18.03 7.66
C LEU A 556 27.15 16.55 7.73
N ASP A 557 26.52 15.96 6.77
CA ASP A 557 26.14 14.60 6.71
C ASP A 557 27.30 13.70 7.02
N ASP A 558 28.40 13.88 6.38
CA ASP A 558 29.60 13.13 6.51
C ASP A 558 30.00 12.97 7.95
N PHE A 559 30.00 14.03 8.70
CA PHE A 559 30.21 14.09 10.09
C PHE A 559 29.22 13.22 10.83
N GLN A 560 27.96 13.35 10.53
CA GLN A 560 26.88 12.68 11.13
C GLN A 560 27.03 11.18 11.06
N ILE A 561 27.25 10.64 9.90
CA ILE A 561 27.36 9.27 9.62
C ILE A 561 28.47 8.64 10.42
N ALA A 562 29.62 9.24 10.43
CA ALA A 562 30.78 8.84 11.12
C ALA A 562 30.52 8.70 12.59
N LEU A 563 29.86 9.65 13.18
CA LEU A 563 29.47 9.71 14.54
C LEU A 563 28.77 8.45 14.97
N GLU A 564 27.58 8.24 14.40
CA GLU A 564 26.77 7.06 14.70
C GLU A 564 27.46 5.79 14.25
N LYS A 565 28.29 5.85 13.19
CA LYS A 565 29.07 4.79 12.68
C LYS A 565 29.94 4.18 13.75
N ILE A 566 30.65 4.96 14.47
CA ILE A 566 31.56 4.65 15.51
C ILE A 566 30.89 4.46 16.84
N CYS A 567 29.99 5.32 17.20
CA CYS A 567 29.31 5.38 18.43
C CYS A 567 28.63 4.07 18.79
N TYR A 568 28.17 3.33 17.79
CA TYR A 568 27.56 2.04 17.96
C TYR A 568 28.60 0.99 18.40
N ARG A 569 28.48 0.51 19.64
CA ARG A 569 29.34 -0.40 20.30
C ARG A 569 28.66 -1.60 20.86
N LEU A 570 29.18 -2.77 20.75
CA LEU A 570 28.73 -4.05 21.17
C LEU A 570 29.68 -4.70 22.14
N PHE A 571 29.30 -5.03 23.33
CA PHE A 571 30.03 -5.55 24.42
C PHE A 571 29.70 -6.99 24.72
N ALA A 572 30.71 -7.81 25.03
CA ALA A 572 30.52 -9.22 25.32
C ALA A 572 31.33 -9.62 26.55
N VAL A 573 30.87 -10.67 27.22
CA VAL A 573 31.55 -11.22 28.39
C VAL A 573 31.42 -12.73 28.34
N VAL A 574 32.45 -13.43 28.81
CA VAL A 574 32.49 -14.88 28.85
C VAL A 574 32.60 -15.33 30.30
N GLU A 575 31.62 -16.13 30.75
CA GLU A 575 31.64 -16.67 32.09
C GLU A 575 30.51 -17.67 32.21
N ALA A 576 30.75 -18.73 32.96
CA ALA A 576 29.71 -19.71 33.26
C ALA A 576 28.91 -19.28 34.47
N ASN A 577 27.78 -19.95 34.69
CA ASN A 577 26.95 -19.76 35.88
C ASN A 577 26.27 -18.40 35.89
N ILE A 578 26.32 -17.67 34.78
CA ILE A 578 25.84 -16.29 34.78
C ILE A 578 24.35 -16.24 35.09
N GLU A 579 23.56 -17.03 34.36
CA GLU A 579 22.11 -16.83 34.38
C GLU A 579 21.54 -17.03 35.78
N ALA A 580 22.01 -18.05 36.50
CA ALA A 580 21.50 -18.29 37.86
C ALA A 580 21.83 -17.11 38.77
N GLU A 581 23.04 -16.58 38.67
CA GLU A 581 23.38 -15.39 39.44
C GLU A 581 22.43 -14.24 39.11
N LEU A 582 22.10 -14.06 37.82
CA LEU A 582 21.11 -13.06 37.46
C LEU A 582 19.76 -13.38 38.09
N LEU A 583 19.33 -14.62 37.99
CA LEU A 583 18.09 -15.03 38.64
C LEU A 583 18.21 -14.95 40.16
N LYS A 584 19.35 -15.40 40.69
CA LYS A 584 19.51 -15.49 42.14
C LYS A 584 19.43 -14.11 42.79
N ASN A 585 20.07 -13.12 42.18
CA ASN A 585 20.22 -11.80 42.78
C ASN A 585 19.40 -10.72 42.11
N ASP A 586 19.40 -10.68 40.77
CA ASP A 586 18.79 -9.58 40.03
C ASP A 586 17.30 -9.78 39.79
N LYS A 587 16.72 -10.90 40.21
CA LYS A 587 15.30 -11.16 40.02
C LYS A 587 14.93 -11.04 38.55
N ALA A 588 15.80 -11.53 37.69
CA ALA A 588 15.61 -11.41 36.25
C ALA A 588 14.50 -12.34 35.77
N GLN A 589 14.06 -12.07 34.53
CA GLN A 589 13.08 -12.90 33.85
C GLN A 589 13.61 -13.21 32.47
N ILE A 590 13.46 -14.45 32.02
CA ILE A 590 14.11 -14.94 30.81
C ILE A 590 13.07 -15.55 29.89
N PHE A 591 13.23 -15.44 28.61
CA PHE A 591 12.48 -15.92 27.52
C PHE A 591 13.32 -16.70 26.55
N ASN A 592 12.79 -17.61 25.81
CA ASN A 592 13.34 -18.32 24.72
C ASN A 592 12.83 -17.82 23.39
N ILE A 593 13.63 -17.68 22.40
CA ILE A 593 13.39 -17.26 21.07
C ILE A 593 13.42 -18.44 20.13
N THR A 594 12.35 -18.64 19.35
CA THR A 594 12.21 -19.79 18.45
C THR A 594 11.46 -19.49 17.15
N SER A 595 11.64 -20.34 16.13
CA SER A 595 10.94 -20.34 14.83
C SER A 595 11.07 -21.68 14.10
N SER A 596 10.31 -21.87 13.03
CA SER A 596 10.51 -22.99 12.09
C SER A 596 11.96 -23.14 11.64
N ASP A 597 12.62 -22.03 11.38
CA ASP A 597 13.93 -22.04 10.73
C ASP A 597 15.01 -22.35 11.73
N LEU A 598 14.94 -21.71 12.89
CA LEU A 598 15.87 -21.83 13.95
C LEU A 598 16.09 -23.27 14.34
N ARG A 599 14.99 -24.02 14.51
CA ARG A 599 15.01 -25.40 14.99
C ARG A 599 15.61 -26.42 14.02
N LYS A 600 16.02 -26.02 12.81
CA LYS A 600 16.90 -26.82 11.94
C LYS A 600 17.88 -25.92 11.21
N GLU A 601 19.09 -25.76 11.75
CA GLU A 601 20.19 -25.15 11.10
C GLU A 601 20.63 -25.92 9.88
N ALA A 602 20.63 -27.21 9.95
CA ALA A 602 21.11 -28.16 9.02
C ALA A 602 20.23 -28.24 7.79
N LYS A 603 19.88 -27.13 7.17
CA LYS A 603 19.24 -27.05 5.87
C LYS A 603 19.58 -25.71 5.23
N ASP A 604 19.36 -25.65 3.93
CA ASP A 604 19.66 -24.61 3.03
C ASP A 604 18.59 -23.56 2.87
N LYS A 605 17.39 -23.97 2.47
CA LYS A 605 16.28 -23.03 2.23
C LYS A 605 15.77 -22.52 3.57
N ILE A 606 16.37 -21.44 4.03
CA ILE A 606 16.00 -20.63 5.13
C ILE A 606 15.14 -19.48 4.69
N LYS A 607 14.11 -19.06 5.45
CA LYS A 607 13.28 -17.93 5.04
C LYS A 607 14.10 -16.64 4.97
N SER A 608 13.79 -15.77 4.01
CA SER A 608 14.57 -14.56 3.74
C SER A 608 14.81 -13.71 4.99
N HIS A 609 13.78 -13.46 5.80
CA HIS A 609 13.90 -12.67 7.03
C HIS A 609 14.93 -13.26 7.99
N THR A 610 14.97 -14.57 8.15
CA THR A 610 15.86 -15.22 9.10
C THR A 610 17.33 -14.98 8.78
N GLN A 611 17.72 -14.76 7.52
CA GLN A 611 19.03 -14.41 7.13
C GLN A 611 19.54 -13.22 7.89
N ILE A 612 18.80 -12.17 7.95
CA ILE A 612 19.06 -10.94 8.60
C ILE A 612 19.46 -11.19 10.02
N TRP A 613 18.57 -11.71 10.80
CA TRP A 613 18.75 -12.07 12.16
C TRP A 613 20.01 -12.86 12.37
N LYS A 614 20.25 -13.85 11.58
CA LYS A 614 21.39 -14.67 11.56
C LYS A 614 22.63 -13.92 11.21
N ALA A 615 22.63 -13.22 10.11
CA ALA A 615 23.69 -12.45 9.58
C ALA A 615 24.18 -11.41 10.55
N PHE A 616 23.36 -10.97 11.46
CA PHE A 616 23.63 -10.01 12.46
C PHE A 616 24.78 -10.42 13.33
N TRP A 617 24.75 -11.60 13.88
CA TRP A 617 25.67 -12.17 14.77
C TRP A 617 27.02 -12.46 14.17
N THR A 618 27.08 -12.57 12.85
CA THR A 618 28.30 -13.05 12.21
C THR A 618 29.44 -12.08 12.43
N SER A 619 30.66 -12.64 12.40
CA SER A 619 31.86 -11.81 12.57
C SER A 619 32.02 -10.82 11.43
N GLU A 620 31.69 -11.23 10.20
CA GLU A 620 31.88 -10.36 9.06
C GLU A 620 31.18 -9.03 9.24
N ASN A 621 30.02 -8.98 9.82
CA ASN A 621 29.27 -7.84 10.15
C ASN A 621 30.06 -6.90 11.02
N LYS A 622 30.65 -7.40 12.07
CA LYS A 622 31.50 -6.73 12.96
C LYS A 622 32.70 -6.14 12.25
N GLN A 623 33.24 -6.91 11.32
CA GLN A 623 34.37 -6.43 10.52
C GLN A 623 33.99 -5.21 9.71
N ASN A 624 32.84 -5.15 9.13
CA ASN A 624 32.27 -4.09 8.39
C ASN A 624 31.71 -2.97 9.23
N ASN A 625 31.97 -2.89 10.50
CA ASN A 625 31.54 -1.85 11.37
C ASN A 625 30.06 -1.91 11.64
N PHE A 626 29.48 -3.03 11.86
CA PHE A 626 28.10 -3.22 12.13
C PHE A 626 27.24 -2.62 11.04
N GLU A 627 27.37 -3.06 9.83
CA GLU A 627 26.61 -2.69 8.70
C GLU A 627 25.13 -2.77 8.99
N THR A 628 24.66 -3.89 9.40
CA THR A 628 23.34 -4.22 9.80
C THR A 628 23.17 -3.90 11.26
N ARG A 629 22.21 -3.03 11.58
CA ARG A 629 22.08 -2.44 12.90
C ARG A 629 20.74 -2.78 13.54
N LEU A 630 20.78 -3.25 14.78
CA LEU A 630 19.68 -3.53 15.63
C LEU A 630 19.29 -2.32 16.43
N ASN A 631 18.14 -1.70 16.18
CA ASN A 631 17.70 -0.56 17.00
C ASN A 631 17.54 -1.00 18.45
N PRO A 632 17.79 -0.13 19.42
CA PRO A 632 17.91 -0.54 20.81
C PRO A 632 16.54 -0.63 21.50
N GLU A 633 15.47 -0.89 20.76
CA GLU A 633 14.08 -0.87 21.25
C GLU A 633 13.28 -2.10 20.75
N ILE A 634 12.56 -2.77 21.64
CA ILE A 634 11.85 -3.97 21.45
C ILE A 634 10.47 -3.94 22.05
N THR A 635 9.54 -4.70 21.58
CA THR A 635 8.17 -4.81 21.92
C THR A 635 7.71 -6.22 22.20
N ILE A 636 6.87 -6.46 23.14
CA ILE A 636 6.29 -7.67 23.59
C ILE A 636 4.80 -7.64 23.48
N THR A 637 4.15 -8.56 22.83
CA THR A 637 2.77 -8.68 22.56
C THR A 637 2.18 -9.99 23.02
N TYR A 638 0.96 -10.02 23.45
CA TYR A 638 0.12 -11.09 23.82
C TYR A 638 -1.02 -11.30 22.86
N ARG A 639 -1.41 -12.55 22.62
CA ARG A 639 -2.48 -12.87 21.68
C ARG A 639 -3.27 -14.07 22.20
N GLN A 640 -4.39 -13.81 22.85
CA GLN A 640 -5.30 -14.78 23.29
C GLN A 640 -5.71 -15.66 22.14
N PRO A 641 -5.59 -16.98 22.20
CA PRO A 641 -6.02 -17.81 21.10
C PRO A 641 -7.46 -17.62 20.73
N LYS A 642 -7.82 -17.57 19.50
CA LYS A 642 -9.10 -17.31 18.98
C LYS A 642 -10.05 -18.43 19.31
N GLN A 643 -11.17 -18.20 19.91
CA GLN A 643 -12.13 -19.13 20.38
C GLN A 643 -12.61 -20.05 19.28
N SER A 644 -12.88 -19.52 18.14
CA SER A 644 -13.59 -20.12 17.07
C SER A 644 -13.05 -21.48 16.68
N LYS A 645 -11.73 -21.69 16.78
CA LYS A 645 -11.06 -22.94 16.36
C LYS A 645 -10.61 -23.84 17.51
N ILE A 646 -10.97 -23.53 18.75
CA ILE A 646 -10.49 -24.15 19.94
C ILE A 646 -11.22 -25.41 20.29
N ASP A 647 -12.44 -25.29 20.72
CA ASP A 647 -13.22 -26.27 21.38
C ASP A 647 -13.37 -27.55 20.62
N LYS A 648 -14.13 -27.57 19.59
CA LYS A 648 -14.54 -28.65 18.78
C LYS A 648 -13.85 -28.77 17.44
N TYR A 649 -12.75 -28.04 17.22
CA TYR A 649 -12.21 -27.79 15.87
C TYR A 649 -10.70 -28.09 15.73
N GLY A 650 -9.91 -27.94 16.79
CA GLY A 650 -8.61 -28.35 16.97
C GLY A 650 -8.17 -29.00 18.22
N GLU A 651 -8.84 -28.73 19.29
CA GLU A 651 -8.63 -29.24 20.59
C GLU A 651 -9.14 -30.65 20.74
N ARG A 652 -10.42 -30.84 20.67
CA ARG A 652 -11.10 -32.07 20.61
C ARG A 652 -10.76 -32.87 19.38
N SER A 653 -10.31 -32.26 18.34
CA SER A 653 -9.83 -32.80 17.13
C SER A 653 -8.42 -33.34 17.21
N GLN A 654 -7.67 -33.03 18.23
CA GLN A 654 -6.34 -33.46 18.43
C GLN A 654 -5.46 -33.09 17.26
N LYS A 655 -5.61 -31.89 16.70
CA LYS A 655 -4.80 -31.45 15.53
C LYS A 655 -3.35 -31.14 15.91
N ASN A 656 -2.46 -31.15 14.91
CA ASN A 656 -1.05 -30.77 15.05
C ASN A 656 -0.84 -29.24 15.22
N ASN A 657 -1.76 -28.41 14.72
CA ASN A 657 -1.64 -26.95 14.67
C ASN A 657 -1.58 -26.26 16.04
N ARG A 658 -0.85 -25.15 16.14
CA ARG A 658 -0.64 -24.40 17.38
C ARG A 658 -0.98 -22.91 17.24
N TYR A 659 -2.16 -22.62 16.73
CA TYR A 659 -2.81 -21.32 16.86
C TYR A 659 -3.76 -21.21 18.07
N LEU A 660 -4.28 -22.33 18.59
CA LEU A 660 -5.24 -22.43 19.61
C LEU A 660 -4.70 -22.15 20.99
N HIS A 661 -3.43 -22.14 21.19
CA HIS A 661 -2.71 -21.91 22.38
C HIS A 661 -2.36 -20.46 22.60
N ALA A 662 -1.92 -20.08 23.74
CA ALA A 662 -1.33 -18.85 24.08
C ALA A 662 -0.03 -18.65 23.35
N GLN A 663 0.33 -17.40 23.07
CA GLN A 663 1.56 -17.06 22.39
C GLN A 663 2.10 -15.72 22.87
N TYR A 664 3.42 -15.62 22.88
CA TYR A 664 4.22 -14.47 23.12
C TYR A 664 5.00 -14.09 21.89
N THR A 665 4.66 -12.98 21.24
CA THR A 665 5.34 -12.56 20.01
C THR A 665 6.18 -11.32 20.27
N LEU A 666 7.47 -11.39 19.93
CA LEU A 666 8.47 -10.39 20.01
C LEU A 666 8.43 -9.52 18.78
N ILE A 667 8.39 -8.20 18.91
CA ILE A 667 8.45 -7.28 17.77
C ILE A 667 9.70 -6.42 17.92
N THR A 668 10.48 -6.36 16.85
CA THR A 668 11.73 -5.73 16.68
C THR A 668 11.85 -4.99 15.38
N THR A 669 12.83 -4.09 15.28
CA THR A 669 13.11 -3.38 14.03
C THR A 669 14.60 -3.27 13.78
N ILE A 670 15.01 -3.52 12.54
CA ILE A 670 16.30 -3.64 11.99
C ILE A 670 16.52 -2.62 10.90
N SER A 671 17.73 -2.29 10.57
CA SER A 671 18.19 -1.44 9.55
C SER A 671 19.09 -2.13 8.57
N GLU A 672 19.13 -1.73 7.34
CA GLU A 672 19.97 -2.13 6.28
C GLU A 672 20.76 -0.98 5.69
N HIS A 673 22.00 -1.13 5.38
CA HIS A 673 22.80 -0.17 4.76
C HIS A 673 22.86 1.12 5.55
N SER A 674 22.88 1.07 6.84
CA SER A 674 22.98 2.17 7.72
C SER A 674 24.14 3.06 7.40
N ASN A 675 25.24 2.54 6.95
CA ASN A 675 26.43 3.17 6.56
C ASN A 675 26.30 3.78 5.19
N SER A 676 25.28 4.52 4.92
CA SER A 676 24.90 5.15 3.71
C SER A 676 24.05 6.37 3.95
N PRO A 677 24.06 7.38 3.09
CA PRO A 677 23.24 8.54 3.33
C PRO A 677 21.78 8.22 3.50
N THR A 678 21.10 8.82 4.41
CA THR A 678 19.71 8.76 4.68
C THR A 678 18.94 9.68 3.76
N LYS A 679 19.13 9.58 2.49
CA LYS A 679 18.55 10.36 1.47
C LYS A 679 17.06 10.36 1.60
N ILE A 680 16.40 11.47 1.71
CA ILE A 680 15.00 11.69 1.84
C ILE A 680 14.52 12.74 0.88
N LEU A 681 13.70 12.45 -0.08
CA LEU A 681 13.03 13.28 -1.01
C LEU A 681 11.63 13.64 -0.62
N SER A 682 11.13 13.19 0.49
CA SER A 682 9.80 13.29 0.95
C SER A 682 9.35 14.72 1.12
N PHE A 683 10.15 15.52 1.82
CA PHE A 683 9.72 16.81 2.37
C PHE A 683 9.78 17.98 1.37
N MET A 684 10.23 17.78 0.13
CA MET A 684 10.37 18.78 -0.86
C MET A 684 9.06 19.40 -1.26
N SER A 685 9.03 20.59 -1.74
CA SER A 685 7.99 21.31 -2.39
C SER A 685 7.87 20.91 -3.83
N ASP A 686 7.07 21.57 -4.60
CA ASP A 686 6.72 21.32 -5.95
C ASP A 686 7.91 21.27 -6.88
N ASP A 687 8.47 22.44 -7.13
CA ASP A 687 9.59 22.50 -8.06
C ASP A 687 10.74 21.62 -7.57
N GLU A 688 10.94 21.48 -6.31
CA GLU A 688 11.99 20.77 -5.67
C GLU A 688 11.98 19.29 -6.00
N PHE A 689 10.88 18.62 -5.90
CA PHE A 689 10.79 17.21 -6.06
C PHE A 689 11.26 16.86 -7.45
N LYS A 690 10.71 17.59 -8.42
CA LYS A 690 10.96 17.30 -9.83
C LYS A 690 12.45 17.39 -10.14
N SER A 691 13.12 18.39 -9.58
CA SER A 691 14.56 18.50 -9.79
C SER A 691 15.28 17.30 -9.20
N SER A 692 15.05 16.93 -7.99
CA SER A 692 15.68 15.89 -7.26
C SER A 692 15.56 14.57 -7.98
N VAL A 693 14.32 14.23 -8.32
CA VAL A 693 14.08 12.97 -9.02
C VAL A 693 14.80 12.97 -10.36
N ASP A 694 14.75 14.10 -11.08
CA ASP A 694 15.48 14.21 -12.34
C ASP A 694 16.96 13.95 -12.13
N THR A 695 17.55 14.60 -11.12
CA THR A 695 18.95 14.34 -10.80
C THR A 695 19.18 12.84 -10.59
N PHE A 696 18.31 12.15 -9.92
CA PHE A 696 18.30 10.75 -9.73
C PHE A 696 18.29 10.03 -11.05
N ASN A 697 17.37 10.45 -11.91
CA ASN A 697 17.23 9.83 -13.22
C ASN A 697 18.53 9.94 -14.02
N LYS A 698 19.32 10.97 -13.77
CA LYS A 698 20.56 11.15 -14.51
C LYS A 698 21.54 9.99 -14.27
N LYS A 699 21.36 9.25 -13.18
CA LYS A 699 22.24 8.12 -12.91
C LYS A 699 22.29 7.15 -14.09
N PHE A 700 21.17 6.98 -14.78
CA PHE A 700 21.03 5.97 -15.82
C PHE A 700 21.41 6.56 -17.16
N LYS A 701 22.30 5.87 -17.88
CA LYS A 701 22.75 6.30 -19.18
C LYS A 701 22.00 5.55 -20.27
N LYS A 702 21.72 6.25 -21.36
CA LYS A 702 20.92 5.66 -22.44
C LYS A 702 21.62 4.47 -23.06
N ASP A 703 22.93 4.52 -23.21
CA ASP A 703 23.69 3.42 -23.78
C ASP A 703 23.81 2.22 -22.86
N GLU A 704 23.65 2.41 -21.54
CA GLU A 704 23.73 1.29 -20.61
C GLU A 704 22.57 0.32 -20.78
N ILE A 705 21.39 0.80 -21.13
CA ILE A 705 20.21 -0.04 -21.20
C ILE A 705 20.43 -1.12 -22.25
N LYS A 706 20.11 -2.36 -21.88
CA LYS A 706 20.20 -3.50 -22.78
C LYS A 706 18.86 -4.16 -23.07
N PHE A 707 17.90 -4.04 -22.17
CA PHE A 707 16.64 -4.74 -22.30
C PHE A 707 15.55 -3.95 -21.58
N ALA A 708 14.31 -4.20 -21.99
CA ALA A 708 13.17 -3.54 -21.38
C ALA A 708 11.98 -4.49 -21.39
N PHE A 709 11.35 -4.71 -20.29
CA PHE A 709 10.16 -5.44 -20.07
C PHE A 709 8.95 -4.62 -20.42
N GLY A 710 7.77 -5.22 -20.29
CA GLY A 710 6.52 -4.49 -20.45
C GLY A 710 5.34 -5.24 -19.85
N ILE A 711 4.45 -4.58 -19.18
CA ILE A 711 3.30 -5.04 -18.50
C ILE A 711 2.04 -4.55 -19.18
N ASP A 712 1.18 -5.46 -19.64
CA ASP A 712 -0.07 -5.12 -20.26
C ASP A 712 -1.09 -4.70 -19.22
N ASN A 713 -2.09 -3.95 -19.66
CA ASN A 713 -3.17 -3.48 -18.78
C ASN A 713 -4.39 -4.39 -18.83
N GLY A 714 -4.46 -5.32 -19.76
CA GLY A 714 -5.63 -6.16 -19.95
C GLY A 714 -6.28 -6.63 -18.67
N GLU A 715 -7.60 -6.52 -18.60
CA GLU A 715 -8.37 -6.97 -17.44
C GLU A 715 -9.00 -8.34 -17.67
N VAL A 716 -8.72 -8.99 -18.80
CA VAL A 716 -9.27 -10.32 -19.04
C VAL A 716 -8.89 -11.25 -17.89
N GLU A 717 -7.62 -11.21 -17.49
CA GLU A 717 -7.16 -11.85 -16.27
C GLU A 717 -6.13 -10.90 -15.65
N LEU A 718 -5.34 -11.31 -14.70
CA LEU A 718 -4.40 -10.52 -14.00
C LEU A 718 -3.67 -9.57 -14.93
N SER A 719 -2.80 -10.14 -15.76
CA SER A 719 -2.05 -9.33 -16.71
C SER A 719 -1.29 -10.25 -17.66
N THR A 720 -0.49 -9.65 -18.53
CA THR A 720 0.40 -10.37 -19.44
C THR A 720 1.69 -9.59 -19.59
N LEU A 721 2.77 -10.23 -19.89
CA LEU A 721 4.13 -9.84 -19.82
C LEU A 721 4.88 -9.97 -21.12
N GLY A 722 5.84 -9.09 -21.38
CA GLY A 722 6.70 -9.19 -22.54
C GLY A 722 8.04 -8.55 -22.29
N VAL A 723 8.96 -8.80 -23.21
CA VAL A 723 10.33 -8.27 -23.13
C VAL A 723 10.77 -7.83 -24.53
N TYR A 724 11.78 -6.98 -24.58
CA TYR A 724 12.26 -6.45 -25.86
C TYR A 724 13.75 -6.20 -25.79
N PHE A 725 14.38 -6.17 -26.97
CA PHE A 725 15.78 -5.81 -27.13
C PHE A 725 15.92 -4.82 -28.27
N PRO A 726 16.90 -3.91 -28.20
CA PRO A 726 17.10 -2.96 -29.31
C PRO A 726 17.41 -3.62 -30.64
N ALA A 727 18.07 -4.78 -30.62
CA ALA A 727 18.51 -5.40 -31.86
C ALA A 727 17.36 -5.67 -32.82
N PHE A 728 16.14 -5.81 -32.30
CA PHE A 728 15.00 -6.08 -33.16
C PHE A 728 14.69 -4.94 -34.11
N ASP A 729 15.25 -3.75 -33.89
CA ASP A 729 14.99 -2.60 -34.74
C ASP A 729 15.86 -2.69 -36.00
N LYS A 730 15.44 -3.54 -36.92
CA LYS A 730 16.09 -3.68 -38.21
C LYS A 730 15.52 -2.66 -39.19
N THR A 731 15.91 -2.75 -40.45
CA THR A 731 15.51 -1.78 -41.46
C THR A 731 14.43 -2.29 -42.40
N THR A 732 14.31 -3.60 -42.56
CA THR A 732 13.37 -4.18 -43.50
C THR A 732 12.61 -5.33 -42.83
N TYR A 733 11.42 -5.62 -43.38
CA TYR A 733 10.61 -6.70 -42.84
C TYR A 733 11.40 -8.00 -42.78
N LYS A 734 12.09 -8.35 -43.87
CA LYS A 734 12.84 -9.60 -43.89
C LYS A 734 13.87 -9.65 -42.78
N GLU A 735 14.58 -8.53 -42.56
CA GLU A 735 15.54 -8.48 -41.46
C GLU A 735 14.84 -8.64 -40.12
N LYS A 736 13.71 -7.96 -39.93
CA LYS A 736 13.01 -8.03 -38.65
C LYS A 736 12.54 -9.45 -38.36
N VAL A 737 11.90 -10.09 -39.33
CA VAL A 737 11.40 -11.45 -39.10
C VAL A 737 12.56 -12.40 -38.84
N ALA A 738 13.65 -12.28 -39.61
CA ALA A 738 14.81 -13.13 -39.38
C ALA A 738 15.36 -12.93 -37.97
N GLU A 739 15.48 -11.68 -37.54
CA GLU A 739 15.90 -11.42 -36.16
C GLU A 739 14.92 -12.03 -35.18
N LEU A 740 13.62 -11.90 -35.44
CA LEU A 740 12.61 -12.47 -34.56
C LEU A 740 12.65 -13.99 -34.57
N GLU A 741 13.34 -14.59 -35.53
CA GLU A 741 13.46 -16.04 -35.59
C GLU A 741 14.59 -16.58 -34.71
N LYS A 742 15.26 -15.72 -33.95
CA LYS A 742 16.37 -16.11 -33.08
C LYS A 742 15.96 -16.26 -31.63
N VAL A 743 14.76 -16.79 -31.37
CA VAL A 743 14.29 -16.95 -30.00
C VAL A 743 15.27 -17.82 -29.22
N ASN A 744 15.86 -18.82 -29.87
CA ASN A 744 16.85 -19.65 -29.21
C ASN A 744 18.03 -18.83 -28.70
N ASP A 745 18.25 -17.64 -29.25
CA ASP A 745 19.36 -16.78 -28.85
C ASP A 745 18.97 -15.79 -27.76
N TYR A 746 17.72 -15.33 -27.75
CA TYR A 746 17.31 -14.22 -26.90
C TYR A 746 16.34 -14.62 -25.80
N GLY A 747 15.57 -15.69 -26.00
CA GLY A 747 14.48 -16.01 -25.09
C GLY A 747 14.96 -16.59 -23.77
N PHE A 748 14.06 -16.93 -22.92
CA PHE A 748 14.16 -17.49 -21.64
C PHE A 748 13.51 -18.85 -21.54
N GLU A 749 14.08 -19.80 -20.87
CA GLU A 749 13.70 -21.14 -20.71
C GLU A 749 12.48 -21.27 -19.82
N VAL A 750 11.65 -22.25 -19.97
CA VAL A 750 10.45 -22.53 -19.28
C VAL A 750 10.10 -24.00 -19.23
N LEU A 751 9.47 -24.48 -18.21
CA LEU A 751 8.93 -25.76 -17.98
C LEU A 751 7.42 -25.77 -18.01
N THR A 752 6.81 -26.70 -18.71
CA THR A 752 5.35 -26.76 -18.81
C THR A 752 4.87 -28.12 -18.33
N ILE A 753 3.84 -28.20 -17.56
CA ILE A 753 3.17 -29.35 -17.12
C ILE A 753 2.51 -30.04 -18.28
N ARG A 754 2.63 -31.35 -18.39
CA ARG A 754 2.01 -32.06 -19.51
C ARG A 754 0.55 -32.41 -19.21
N ASN A 755 0.28 -33.13 -18.17
CA ASN A 755 -0.96 -33.69 -17.74
C ASN A 755 -1.33 -33.25 -16.35
N LEU A 756 -2.34 -32.47 -16.13
CA LEU A 756 -2.79 -31.95 -14.90
C LEU A 756 -3.40 -32.99 -13.99
N ASN A 757 -4.13 -33.92 -14.51
CA ASN A 757 -4.80 -34.95 -13.82
C ASN A 757 -3.87 -35.86 -13.05
N TYR A 758 -2.63 -35.89 -13.36
CA TYR A 758 -1.63 -36.74 -12.84
C TYR A 758 -1.67 -36.78 -11.34
N LYS A 759 -1.54 -37.90 -10.71
CA LYS A 759 -1.56 -38.13 -9.32
C LYS A 759 -0.83 -39.39 -8.92
N GLU A 760 -0.42 -39.53 -7.70
CA GLU A 760 0.32 -40.57 -7.10
C GLU A 760 -0.10 -40.91 -5.70
N THR A 761 0.40 -41.95 -5.13
CA THR A 761 0.26 -42.45 -3.82
C THR A 761 1.57 -42.51 -3.08
N ASP A 762 1.70 -42.01 -1.91
CA ASP A 762 2.84 -41.96 -1.08
C ASP A 762 3.03 -43.23 -0.27
N TYR A 763 4.11 -43.27 0.50
CA TYR A 763 4.43 -44.34 1.44
C TYR A 763 3.45 -44.46 2.63
N ASN A 764 2.50 -43.54 2.79
CA ASN A 764 1.52 -43.52 3.88
C ASN A 764 0.06 -43.78 3.41
N GLY A 765 -0.15 -44.17 2.15
CA GLY A 765 -1.36 -44.50 1.59
C GLY A 765 -2.36 -43.45 1.38
N LYS A 766 -1.93 -42.29 0.86
CA LYS A 766 -2.80 -41.15 0.53
C LYS A 766 -2.49 -40.63 -0.86
N GLU A 767 -3.50 -40.23 -1.62
CA GLU A 767 -3.29 -39.64 -2.94
C GLU A 767 -2.74 -38.21 -2.85
N ARG A 768 -1.71 -37.90 -3.63
CA ARG A 768 -1.22 -36.55 -3.90
C ARG A 768 -1.55 -36.17 -5.34
N LYS A 769 -2.11 -34.98 -5.59
CA LYS A 769 -2.34 -34.45 -6.95
C LYS A 769 -1.32 -33.37 -7.30
N ILE A 770 -0.60 -33.53 -8.41
CA ILE A 770 0.45 -32.72 -8.88
C ILE A 770 0.04 -31.28 -8.99
N ILE A 771 -1.11 -31.02 -9.52
CA ILE A 771 -1.67 -29.73 -9.72
C ILE A 771 -1.76 -28.93 -8.46
N GLN A 772 -2.00 -29.58 -7.31
CA GLN A 772 -2.21 -28.88 -6.05
C GLN A 772 -0.93 -28.26 -5.51
N ASN A 773 0.21 -28.93 -5.68
CA ASN A 773 1.52 -28.40 -5.31
C ASN A 773 2.61 -29.13 -6.10
N PRO A 774 3.00 -28.63 -7.28
CA PRO A 774 4.03 -29.26 -8.09
C PRO A 774 5.33 -29.52 -7.42
N SER A 775 5.68 -28.80 -6.34
CA SER A 775 7.03 -28.88 -5.78
C SER A 775 7.43 -30.31 -5.39
N TYR A 776 6.46 -31.08 -4.86
CA TYR A 776 6.67 -32.46 -4.45
C TYR A 776 7.12 -33.40 -5.56
N PHE A 777 6.96 -32.99 -6.83
CA PHE A 777 7.39 -33.65 -7.99
C PHE A 777 8.55 -33.04 -8.73
N LEU A 778 9.11 -31.97 -8.28
CA LEU A 778 10.22 -31.27 -8.80
C LEU A 778 11.50 -31.48 -8.03
N LYS A 779 11.49 -31.10 -6.76
CA LYS A 779 12.68 -31.17 -5.92
C LYS A 779 12.96 -32.62 -5.57
N LYS A 780 13.96 -33.23 -6.21
CA LYS A 780 14.34 -34.59 -6.19
C LYS A 780 14.28 -35.16 -4.81
N GLU A 781 14.92 -34.54 -3.87
CA GLU A 781 15.01 -34.91 -2.51
C GLU A 781 13.65 -35.27 -1.96
N ASN A 782 12.67 -34.38 -2.13
CA ASN A 782 11.34 -34.55 -1.56
C ASN A 782 10.64 -35.76 -2.16
N TYR A 783 10.79 -35.96 -3.48
CA TYR A 783 10.20 -37.00 -4.21
C TYR A 783 10.58 -38.35 -3.67
N LEU A 784 11.84 -38.59 -3.45
CA LEU A 784 12.42 -39.77 -2.93
C LEU A 784 11.86 -40.11 -1.57
N ARG A 785 11.91 -39.14 -0.65
CA ARG A 785 11.48 -39.31 0.74
C ARG A 785 9.99 -39.60 0.88
N THR A 786 9.20 -39.31 -0.15
CA THR A 786 7.80 -39.44 -0.22
C THR A 786 7.30 -40.71 -0.84
N PHE A 787 7.85 -41.12 -1.94
CA PHE A 787 7.47 -42.17 -2.81
C PHE A 787 8.42 -43.33 -2.89
N ASN A 788 9.51 -43.33 -2.19
CA ASN A 788 10.39 -44.42 -2.02
C ASN A 788 10.92 -44.95 -3.33
N LYS A 789 11.02 -44.19 -4.36
CA LYS A 789 11.41 -44.50 -5.67
C LYS A 789 12.88 -44.29 -5.92
N SER A 790 13.41 -44.87 -6.99
CA SER A 790 14.83 -44.81 -7.29
C SER A 790 15.14 -43.58 -8.15
N GLU A 791 16.44 -43.35 -8.35
CA GLU A 791 16.88 -42.20 -9.13
C GLU A 791 16.36 -42.26 -10.55
N THR A 792 16.47 -43.43 -11.19
CA THR A 792 16.07 -43.56 -12.58
C THR A 792 14.59 -43.23 -12.76
N ALA A 793 13.75 -43.74 -11.86
CA ALA A 793 12.32 -43.46 -11.95
C ALA A 793 12.07 -41.96 -11.91
N TYR A 794 12.69 -41.22 -11.06
CA TYR A 794 12.69 -39.82 -10.98
C TYR A 794 13.02 -39.19 -12.31
N GLN A 795 14.14 -39.65 -12.87
CA GLN A 795 14.56 -39.14 -14.17
C GLN A 795 13.52 -39.42 -15.23
N LYS A 796 12.99 -40.64 -15.26
CA LYS A 796 11.95 -40.98 -16.24
C LYS A 796 10.70 -40.14 -16.00
N MET A 797 10.26 -39.95 -14.80
CA MET A 797 9.17 -39.15 -14.41
C MET A 797 9.32 -37.75 -14.91
N PHE A 798 10.38 -37.09 -14.54
CA PHE A 798 10.74 -35.79 -14.90
C PHE A 798 10.61 -35.57 -16.39
N THR A 799 11.27 -36.44 -17.15
CA THR A 799 11.27 -36.30 -18.59
C THR A 799 9.86 -36.46 -19.15
N GLU A 800 9.10 -37.42 -18.63
CA GLU A 800 7.78 -37.71 -19.20
C GLU A 800 6.76 -36.65 -18.84
N GLN A 801 6.80 -36.17 -17.59
CA GLN A 801 5.70 -35.34 -17.08
C GLN A 801 5.79 -33.88 -17.51
N PHE A 802 6.86 -33.40 -18.03
CA PHE A 802 7.18 -32.06 -18.34
C PHE A 802 7.68 -31.81 -19.74
N GLU A 803 7.82 -30.54 -20.10
CA GLU A 803 8.32 -30.12 -21.40
C GLU A 803 9.13 -28.85 -21.23
N LYS A 804 10.01 -28.58 -22.18
CA LYS A 804 10.88 -27.42 -22.16
C LYS A 804 10.63 -26.54 -23.37
N LYS A 805 10.66 -25.23 -23.17
CA LYS A 805 10.45 -24.28 -24.25
C LYS A 805 11.22 -23.00 -23.95
N LYS A 806 11.42 -22.20 -24.99
CA LYS A 806 12.01 -20.87 -24.89
C LYS A 806 11.09 -19.88 -25.56
N LEU A 807 10.81 -18.76 -24.88
CA LEU A 807 9.78 -17.83 -25.34
C LEU A 807 10.24 -16.40 -25.13
N LEU A 808 9.64 -15.50 -25.90
CA LEU A 808 9.85 -14.06 -25.74
C LEU A 808 8.72 -13.39 -24.97
N THR A 809 7.69 -14.14 -24.59
CA THR A 809 6.57 -13.61 -23.81
C THR A 809 6.23 -14.62 -22.72
N LEU A 810 5.16 -14.44 -22.03
CA LEU A 810 4.72 -15.19 -20.92
C LEU A 810 3.33 -14.86 -20.47
N ASP A 811 2.60 -15.76 -19.89
CA ASP A 811 1.35 -15.65 -19.26
C ASP A 811 1.53 -15.44 -17.78
N LEU A 812 1.54 -14.25 -17.26
CA LEU A 812 1.74 -13.89 -15.92
C LEU A 812 0.67 -14.37 -15.00
N THR A 813 -0.48 -14.72 -15.48
CA THR A 813 -1.62 -15.12 -14.75
C THR A 813 -1.32 -16.25 -13.80
N THR A 814 -0.84 -17.35 -14.29
CA THR A 814 -0.54 -18.57 -13.66
C THR A 814 0.91 -18.83 -13.33
N ALA A 815 1.83 -18.04 -13.76
CA ALA A 815 3.21 -18.17 -13.63
C ALA A 815 3.63 -18.23 -12.17
N LYS A 816 4.60 -19.09 -11.84
CA LYS A 816 5.23 -19.18 -10.52
C LYS A 816 6.63 -19.77 -10.65
N VAL A 817 7.51 -19.46 -9.71
CA VAL A 817 8.86 -20.02 -9.67
C VAL A 817 8.96 -21.16 -8.67
N ILE A 818 9.52 -22.29 -9.10
CA ILE A 818 9.74 -23.46 -8.26
C ILE A 818 11.17 -23.90 -8.41
N CYS A 819 11.95 -23.85 -7.33
CA CYS A 819 13.29 -24.41 -7.31
C CYS A 819 14.17 -23.92 -8.47
N GLY A 820 14.03 -22.65 -8.83
CA GLY A 820 14.74 -22.05 -9.96
C GLY A 820 14.19 -22.42 -11.35
N HIS A 821 12.90 -22.73 -11.47
CA HIS A 821 12.20 -23.02 -12.66
C HIS A 821 10.98 -22.17 -12.87
N ILE A 822 10.64 -21.78 -14.05
CA ILE A 822 9.50 -21.07 -14.50
C ILE A 822 8.48 -22.01 -15.07
N VAL A 823 7.30 -22.08 -14.58
CA VAL A 823 6.20 -22.88 -14.97
C VAL A 823 4.95 -22.06 -15.22
N THR A 824 4.36 -22.08 -16.36
CA THR A 824 3.21 -21.36 -16.74
C THR A 824 2.05 -21.64 -15.83
N ASN A 825 1.71 -22.88 -15.66
CA ASN A 825 0.61 -23.44 -14.97
C ASN A 825 0.92 -23.92 -13.57
N GLY A 826 1.83 -23.33 -12.86
CA GLY A 826 2.20 -23.71 -11.60
C GLY A 826 1.18 -23.79 -10.56
N ASP A 827 0.28 -22.80 -10.54
CA ASP A 827 -0.77 -22.69 -9.53
C ASP A 827 -2.08 -22.26 -10.15
N VAL A 828 -2.86 -23.25 -10.56
CA VAL A 828 -4.19 -23.13 -11.02
C VAL A 828 -5.09 -22.68 -9.90
N PRO A 829 -5.08 -23.35 -8.73
CA PRO A 829 -6.03 -23.08 -7.66
C PRO A 829 -6.10 -21.64 -7.18
N ALA A 830 -4.99 -20.90 -7.20
CA ALA A 830 -4.99 -19.52 -6.76
C ALA A 830 -6.01 -18.69 -7.52
N LEU A 831 -6.03 -18.77 -8.85
CA LEU A 831 -6.98 -18.15 -9.68
C LEU A 831 -8.38 -18.56 -9.32
N PHE A 832 -8.62 -19.82 -9.19
CA PHE A 832 -9.88 -20.42 -8.98
C PHE A 832 -10.58 -19.84 -7.79
N ASN A 833 -9.82 -19.76 -6.70
CA ASN A 833 -10.31 -19.19 -5.46
C ASN A 833 -10.76 -17.75 -5.66
N LEU A 834 -10.00 -16.98 -6.43
CA LEU A 834 -10.21 -15.63 -6.76
C LEU A 834 -11.56 -15.41 -7.41
N TRP A 835 -11.81 -16.08 -8.49
CA TRP A 835 -13.02 -16.05 -9.22
C TRP A 835 -14.19 -16.43 -8.36
N LEU A 836 -14.10 -17.49 -7.65
CA LEU A 836 -15.09 -18.05 -6.82
C LEU A 836 -15.67 -17.02 -5.88
N LYS A 837 -14.85 -16.42 -5.08
CA LYS A 837 -15.17 -15.34 -4.21
C LYS A 837 -15.73 -14.18 -4.98
N HIS A 838 -15.15 -13.84 -6.08
CA HIS A 838 -15.59 -12.88 -7.01
C HIS A 838 -17.05 -13.07 -7.31
N ALA A 839 -17.44 -14.26 -7.63
CA ALA A 839 -18.77 -14.70 -7.82
C ALA A 839 -19.61 -14.46 -6.59
N GLN A 840 -19.16 -14.91 -5.46
CA GLN A 840 -19.84 -14.91 -4.22
C GLN A 840 -20.27 -13.53 -3.80
N ARG A 841 -19.37 -12.59 -3.80
CA ARG A 841 -19.56 -11.26 -3.41
C ARG A 841 -20.58 -10.55 -4.25
N ASN A 842 -20.33 -10.57 -5.56
CA ASN A 842 -21.19 -9.83 -6.48
C ASN A 842 -22.62 -10.38 -6.47
N ILE A 843 -22.76 -11.70 -6.49
CA ILE A 843 -24.10 -12.29 -6.44
C ILE A 843 -24.76 -11.97 -5.10
N PHE A 844 -24.02 -12.10 -4.01
CA PHE A 844 -24.61 -11.88 -2.70
C PHE A 844 -25.17 -10.47 -2.59
N GLU A 845 -24.40 -9.47 -2.98
CA GLU A 845 -24.88 -8.09 -2.95
C GLU A 845 -26.00 -7.84 -3.94
N MET A 846 -26.01 -8.52 -5.09
CA MET A 846 -27.15 -8.42 -5.99
C MET A 846 -28.45 -8.79 -5.27
N ASN A 847 -28.49 -9.96 -4.64
CA ASN A 847 -29.68 -10.35 -3.90
C ASN A 847 -29.92 -9.41 -2.73
N ASP A 848 -28.85 -9.00 -2.05
CA ASP A 848 -28.96 -8.08 -0.92
C ASP A 848 -29.06 -6.63 -1.35
N HIS A 849 -29.39 -6.30 -2.56
CA HIS A 849 -29.64 -5.02 -3.07
C HIS A 849 -30.99 -4.50 -2.63
N ILE A 850 -31.36 -4.63 -1.41
CA ILE A 850 -32.61 -4.26 -0.86
C ILE A 850 -33.70 -4.78 -1.77
N GLN A 851 -33.50 -5.96 -2.35
CA GLN A 851 -34.49 -6.56 -3.23
C GLN A 851 -35.60 -7.16 -2.39
N LYS A 852 -36.31 -6.39 -1.63
CA LYS A 852 -37.27 -6.75 -0.67
C LYS A 852 -38.66 -6.90 -1.24
N GLU A 853 -39.21 -8.12 -1.22
CA GLU A 853 -40.61 -8.35 -1.54
C GLU A 853 -40.89 -8.21 -3.02
N THR A 854 -39.89 -7.81 -3.81
CA THR A 854 -40.06 -7.73 -5.25
C THR A 854 -39.41 -8.94 -5.91
N ALA A 855 -40.17 -9.62 -6.78
CA ALA A 855 -39.69 -10.84 -7.42
C ALA A 855 -38.66 -10.48 -8.48
N LYS A 856 -37.53 -9.94 -8.00
CA LYS A 856 -36.40 -9.63 -8.87
C LYS A 856 -35.71 -10.94 -9.21
N LYS A 857 -36.30 -11.67 -10.14
CA LYS A 857 -35.88 -13.02 -10.48
C LYS A 857 -34.48 -12.98 -11.07
N ILE A 858 -33.49 -13.44 -10.32
CA ILE A 858 -32.12 -13.49 -10.80
C ILE A 858 -31.93 -14.77 -11.60
N VAL A 859 -31.67 -14.64 -12.89
CA VAL A 859 -31.55 -15.76 -13.80
C VAL A 859 -30.14 -15.77 -14.35
N LEU A 860 -29.52 -16.94 -14.35
CA LEU A 860 -28.14 -17.11 -14.80
C LEU A 860 -28.17 -17.75 -16.18
N LYS A 861 -27.51 -17.11 -17.14
CA LYS A 861 -27.50 -17.56 -18.53
C LYS A 861 -26.08 -17.56 -19.06
N ASN A 862 -25.86 -18.34 -20.12
CA ASN A 862 -24.57 -18.37 -20.79
C ASN A 862 -24.47 -17.37 -21.94
N GLN A 863 -25.52 -16.61 -22.22
CA GLN A 863 -25.48 -15.61 -23.27
C GLN A 863 -26.71 -14.70 -23.13
N LEU A 864 -26.79 -13.74 -24.03
CA LEU A 864 -27.90 -12.78 -24.09
C LEU A 864 -28.45 -12.76 -25.51
N ASP A 865 -29.77 -12.73 -25.63
CA ASP A 865 -30.43 -12.79 -26.94
C ASP A 865 -31.03 -11.45 -27.36
N THR A 866 -31.89 -10.87 -26.52
CA THR A 866 -32.61 -9.67 -26.90
C THR A 866 -31.69 -8.47 -26.92
N ASP A 867 -32.04 -7.49 -27.77
CA ASP A 867 -31.30 -6.23 -27.81
C ASP A 867 -31.44 -5.47 -26.50
N ASN A 868 -32.63 -5.52 -25.89
CA ASN A 868 -32.84 -4.86 -24.60
C ASN A 868 -31.77 -5.29 -23.59
N GLU A 869 -31.56 -6.59 -23.46
CA GLU A 869 -30.51 -7.07 -22.56
C GLU A 869 -29.14 -6.60 -23.03
N LYS A 870 -28.85 -6.77 -24.32
CA LYS A 870 -27.56 -6.38 -24.85
C LYS A 870 -27.30 -4.89 -24.66
N LEU A 871 -28.30 -4.07 -25.00
CA LEU A 871 -28.17 -2.63 -24.78
C LEU A 871 -28.03 -2.32 -23.30
N LYS A 872 -28.82 -2.99 -22.46
CA LYS A 872 -28.69 -2.80 -21.02
C LYS A 872 -27.35 -3.26 -20.50
N PHE A 873 -26.61 -4.03 -21.29
CA PHE A 873 -25.29 -4.50 -20.87
C PHE A 873 -24.19 -3.53 -21.29
N ALA A 874 -24.18 -3.16 -22.58
CA ALA A 874 -23.11 -2.31 -23.08
C ALA A 874 -22.99 -1.01 -22.29
N GLU A 875 -24.11 -0.52 -21.76
CA GLU A 875 -24.06 0.67 -20.92
C GLU A 875 -23.16 0.45 -19.73
N TYR A 876 -23.23 -0.73 -19.11
CA TYR A 876 -22.41 -1.01 -17.94
C TYR A 876 -20.92 -0.95 -18.25
N ILE A 877 -20.54 -1.13 -19.52
CA ILE A 877 -19.15 -1.27 -19.90
C ILE A 877 -18.68 -0.06 -20.72
N SER A 878 -19.27 1.10 -20.50
CA SER A 878 -18.89 2.31 -21.23
C SER A 878 -19.07 3.52 -20.32
N LYS A 879 -18.41 4.61 -20.69
CA LYS A 879 -18.53 5.85 -19.96
C LYS A 879 -19.85 6.53 -20.31
N GLU A 880 -20.68 6.76 -19.30
CA GLU A 880 -21.97 7.41 -19.53
C GLU A 880 -21.79 8.73 -20.26
N LYS A 881 -20.73 9.47 -19.93
CA LYS A 881 -20.48 10.75 -20.59
C LYS A 881 -20.37 10.56 -22.09
N GLU A 882 -19.50 9.66 -22.53
CA GLU A 882 -19.36 9.37 -23.95
C GLU A 882 -20.50 8.53 -24.48
N PHE A 883 -21.17 7.76 -23.62
CA PHE A 883 -22.29 6.94 -24.06
C PHE A 883 -23.43 7.80 -24.59
N GLY A 884 -23.71 8.91 -23.91
CA GLY A 884 -24.82 9.75 -24.31
C GLY A 884 -24.72 10.30 -25.73
N LYS A 885 -23.50 10.35 -26.27
CA LYS A 885 -23.30 10.88 -27.62
C LYS A 885 -23.68 9.90 -28.72
N LEU A 886 -23.97 8.64 -28.37
CA LEU A 886 -24.39 7.66 -29.36
C LEU A 886 -25.89 7.72 -29.58
N ASN A 887 -26.31 7.58 -30.83
CA ASN A 887 -27.72 7.48 -31.14
C ASN A 887 -28.17 6.02 -31.06
N ASP A 888 -29.48 5.81 -31.19
CA ASP A 888 -30.02 4.47 -31.04
C ASP A 888 -29.41 3.50 -32.05
N ASP A 889 -29.28 3.94 -33.31
CA ASP A 889 -28.61 3.10 -34.30
C ASP A 889 -27.16 2.83 -33.89
N GLU A 890 -26.47 3.87 -33.41
CA GLU A 890 -25.11 3.66 -32.90
C GLU A 890 -25.13 2.72 -31.70
N LYS A 891 -26.11 2.88 -30.81
CA LYS A 891 -26.24 1.95 -29.69
C LYS A 891 -26.45 0.53 -30.21
N MET A 892 -27.32 0.36 -31.20
CA MET A 892 -27.49 -0.95 -31.82
C MET A 892 -26.19 -1.43 -32.44
N LYS A 893 -25.53 -0.56 -33.22
CA LYS A 893 -24.26 -0.93 -33.82
C LYS A 893 -23.23 -1.27 -32.76
N TYR A 894 -23.21 -0.51 -31.66
CA TYR A 894 -22.28 -0.79 -30.58
C TYR A 894 -22.50 -2.19 -30.03
N THR A 895 -23.76 -2.57 -29.81
CA THR A 895 -24.04 -3.92 -29.31
C THR A 895 -23.56 -4.97 -30.29
N LYS A 896 -23.87 -4.81 -31.58
CA LYS A 896 -23.37 -5.74 -32.58
C LYS A 896 -21.84 -5.73 -32.61
N TRP A 897 -21.25 -4.55 -32.52
CA TRP A 897 -19.80 -4.46 -32.43
C TRP A 897 -19.27 -5.22 -31.22
N ILE A 898 -20.12 -5.44 -30.21
CA ILE A 898 -19.71 -6.19 -29.03
C ILE A 898 -20.00 -7.68 -29.21
N PHE A 899 -21.27 -8.02 -29.41
CA PHE A 899 -21.72 -9.41 -29.33
C PHE A 899 -21.67 -10.12 -30.68
N GLU A 900 -21.22 -9.47 -31.74
CA GLU A 900 -21.21 -10.06 -33.07
C GLU A 900 -19.81 -9.95 -33.67
N ASP A 901 -19.55 -10.81 -34.65
CA ASP A 901 -18.29 -10.75 -35.38
C ASP A 901 -18.13 -9.38 -36.02
N ARG A 902 -16.95 -8.78 -35.84
CA ARG A 902 -16.66 -7.48 -36.43
C ARG A 902 -16.10 -7.58 -37.84
N ASP A 903 -15.67 -8.78 -38.27
CA ASP A 903 -15.19 -8.95 -39.63
C ASP A 903 -16.31 -8.92 -40.66
N GLN A 904 -17.53 -9.25 -40.26
CA GLN A 904 -18.69 -9.19 -41.14
C GLN A 904 -19.56 -7.96 -40.91
N ASN A 905 -19.70 -7.52 -39.66
CA ASN A 905 -20.37 -6.25 -39.36
C ASN A 905 -19.39 -5.15 -39.73
N ASN A 906 -19.50 -4.67 -40.98
CA ASN A 906 -18.49 -3.77 -41.56
C ASN A 906 -18.65 -2.38 -40.96
N PHE A 907 -18.17 -2.23 -39.73
CA PHE A 907 -18.12 -0.93 -39.09
C PHE A 907 -17.03 -0.08 -39.70
N THR A 908 -17.23 1.23 -39.69
CA THR A 908 -16.24 2.16 -40.19
C THR A 908 -15.18 2.45 -39.14
N GLU A 909 -14.06 3.02 -39.59
CA GLU A 909 -12.99 3.37 -38.66
C GLU A 909 -13.48 4.37 -37.62
N VAL A 910 -14.23 5.38 -38.06
CA VAL A 910 -14.78 6.36 -37.11
C VAL A 910 -15.72 5.65 -36.13
N GLU A 911 -16.59 4.78 -36.65
CA GLU A 911 -17.43 3.99 -35.77
C GLU A 911 -16.57 3.19 -34.79
N ASN A 912 -15.55 2.50 -35.29
CA ASN A 912 -14.66 1.75 -34.41
C ASN A 912 -13.98 2.67 -33.41
N LYS A 913 -13.49 3.81 -33.87
CA LYS A 913 -12.84 4.76 -32.97
C LYS A 913 -13.81 5.27 -31.92
N LYS A 914 -15.03 5.64 -32.33
CA LYS A 914 -16.02 6.07 -31.37
C LYS A 914 -16.34 4.96 -30.38
N PHE A 915 -16.52 3.73 -30.89
CA PHE A 915 -16.79 2.61 -29.99
C PHE A 915 -15.64 2.39 -29.02
N LYS A 916 -14.40 2.47 -29.52
CA LYS A 916 -13.25 2.28 -28.64
C LYS A 916 -13.23 3.34 -27.55
N ARG A 917 -13.51 4.59 -27.90
CA ARG A 917 -13.59 5.65 -26.89
C ARG A 917 -14.71 5.36 -25.90
N CYS A 918 -15.86 4.92 -26.39
CA CYS A 918 -16.96 4.56 -25.51
C CYS A 918 -16.58 3.42 -24.57
N GLN A 919 -15.75 2.49 -25.04
CA GLN A 919 -15.37 1.34 -24.23
C GLN A 919 -14.77 1.80 -22.90
N LYS A 920 -15.24 1.20 -21.81
CA LYS A 920 -14.75 1.51 -20.48
C LYS A 920 -13.84 0.41 -19.93
N ILE A 921 -14.34 -0.83 -19.90
CA ILE A 921 -13.59 -1.97 -19.41
C ILE A 921 -13.22 -2.85 -20.60
N TYR A 922 -11.93 -2.98 -20.87
CA TYR A 922 -11.47 -3.81 -21.98
C TYR A 922 -11.82 -5.26 -21.72
N GLY A 923 -12.23 -5.96 -22.78
CA GLY A 923 -12.55 -7.36 -22.67
C GLY A 923 -12.92 -7.95 -24.01
N ASN A 924 -13.26 -9.24 -23.98
CA ASN A 924 -13.64 -9.96 -25.18
C ASN A 924 -14.83 -10.86 -24.85
N TYR A 925 -15.78 -10.92 -25.79
CA TYR A 925 -16.89 -11.85 -25.68
C TYR A 925 -17.21 -12.49 -27.03
N SER A 926 -16.28 -12.47 -27.97
CA SER A 926 -16.56 -12.85 -29.35
C SER A 926 -17.34 -14.15 -29.43
N THR A 927 -18.58 -14.06 -29.90
CA THR A 927 -19.46 -15.22 -29.98
C THR A 927 -19.34 -16.07 -28.72
N LYS A 928 -18.68 -17.23 -28.85
CA LYS A 928 -18.43 -18.12 -27.73
C LYS A 928 -16.98 -18.60 -27.80
N ALA A 929 -16.05 -17.66 -27.94
CA ALA A 929 -14.65 -17.99 -28.13
C ALA A 929 -14.09 -18.70 -26.91
N LYS A 930 -12.80 -19.04 -26.93
CA LYS A 930 -12.19 -19.95 -25.98
C LYS A 930 -12.20 -19.43 -24.54
N ALA A 931 -12.80 -18.28 -24.26
CA ALA A 931 -12.95 -17.79 -22.89
C ALA A 931 -14.42 -17.49 -22.65
N PRO A 932 -15.26 -18.53 -22.62
CA PRO A 932 -16.69 -18.30 -22.43
C PRO A 932 -16.97 -17.67 -21.08
N VAL A 933 -18.02 -16.84 -21.04
CA VAL A 933 -18.40 -16.09 -19.86
C VAL A 933 -19.87 -16.34 -19.57
N LEU A 934 -20.25 -16.12 -18.31
CA LEU A 934 -21.62 -16.29 -17.88
C LEU A 934 -22.34 -14.93 -17.89
N PHE A 935 -23.59 -14.95 -17.43
CA PHE A 935 -24.37 -13.73 -17.26
C PHE A 935 -25.35 -13.94 -16.13
N ALA A 936 -25.63 -12.88 -15.38
CA ALA A 936 -26.47 -12.93 -14.19
C ALA A 936 -27.62 -11.94 -14.30
N SER A 937 -28.32 -11.96 -15.43
CA SER A 937 -29.44 -11.06 -15.62
C SER A 937 -30.48 -11.24 -14.51
N CYS A 938 -31.29 -10.20 -14.31
CA CYS A 938 -32.28 -10.18 -13.24
C CYS A 938 -33.61 -9.72 -13.82
N PHE A 939 -34.48 -10.66 -14.14
CA PHE A 939 -35.84 -10.32 -14.56
C PHE A 939 -36.59 -9.68 -13.40
N ILE A 940 -37.56 -8.84 -13.75
CA ILE A 940 -38.34 -8.10 -12.78
C ILE A 940 -39.71 -8.76 -12.71
N ASP A 941 -39.84 -9.75 -11.83
CA ASP A 941 -41.10 -10.37 -11.48
C ASP A 941 -41.65 -11.27 -12.58
N GLU A 942 -41.06 -11.24 -13.77
CA GLU A 942 -41.50 -12.03 -14.92
C GLU A 942 -40.55 -11.79 -16.07
N GLU A 943 -40.78 -12.53 -17.16
CA GLU A 943 -39.99 -12.36 -18.38
C GLU A 943 -40.50 -11.17 -19.18
N LEU A 944 -40.44 -9.98 -18.59
CA LEU A 944 -40.82 -8.75 -19.29
C LEU A 944 -39.64 -8.29 -20.13
N GLN A 945 -39.78 -8.37 -21.45
CA GLN A 945 -38.69 -8.04 -22.36
C GLN A 945 -38.58 -6.54 -22.63
N SER A 946 -38.59 -5.72 -21.58
CA SER A 946 -38.37 -4.29 -21.73
C SER A 946 -37.36 -3.74 -20.73
N VAL A 947 -37.35 -4.25 -19.50
CA VAL A 947 -36.54 -3.69 -18.42
C VAL A 947 -35.86 -4.83 -17.68
N THR A 948 -34.57 -4.66 -17.39
CA THR A 948 -33.80 -5.68 -16.70
C THR A 948 -32.58 -5.02 -16.06
N ASP A 949 -31.96 -5.74 -15.14
CA ASP A 949 -30.72 -5.30 -14.49
C ASP A 949 -29.67 -6.39 -14.67
N ILE A 950 -28.54 -6.03 -15.30
CA ILE A 950 -27.54 -7.00 -15.72
C ILE A 950 -26.17 -6.44 -15.32
N PHE A 951 -25.61 -6.94 -14.22
CA PHE A 951 -24.17 -6.81 -14.02
C PHE A 951 -23.43 -7.74 -14.98
N ASP A 952 -22.42 -7.20 -15.64
CA ASP A 952 -21.52 -8.03 -16.44
C ASP A 952 -20.92 -9.09 -15.55
N VAL A 953 -21.24 -10.36 -15.82
CA VAL A 953 -20.66 -11.46 -15.06
C VAL A 953 -19.16 -11.53 -15.21
N ARG A 954 -18.56 -10.67 -16.05
CA ARG A 954 -17.13 -10.44 -15.95
C ARG A 954 -16.74 -10.01 -14.55
N HIS A 955 -17.68 -9.40 -13.82
CA HIS A 955 -17.50 -9.15 -12.39
C HIS A 955 -17.84 -10.35 -11.52
N ILE A 956 -18.41 -11.40 -12.09
CA ILE A 956 -18.99 -12.48 -11.32
C ILE A 956 -18.26 -13.81 -11.56
N PHE A 957 -18.06 -14.23 -12.76
CA PHE A 957 -17.44 -15.44 -13.12
C PHE A 957 -17.02 -15.54 -14.56
N LYS A 958 -16.03 -16.40 -14.82
CA LYS A 958 -15.59 -16.74 -16.16
C LYS A 958 -15.12 -18.19 -16.15
N LYS A 959 -15.07 -18.80 -17.32
CA LYS A 959 -14.79 -20.22 -17.44
C LYS A 959 -13.50 -20.46 -18.22
N ARG A 960 -12.64 -21.31 -17.76
CA ARG A 960 -11.40 -21.74 -18.25
C ARG A 960 -11.28 -23.25 -18.28
N GLU A 961 -10.50 -23.80 -19.22
CA GLU A 961 -10.38 -25.24 -19.32
C GLU A 961 -9.73 -25.84 -18.08
N ASP A 962 -8.70 -25.27 -17.56
CA ASP A 962 -7.84 -25.80 -16.57
C ASP A 962 -8.57 -26.21 -15.32
N PHE A 963 -9.56 -25.49 -14.91
CA PHE A 963 -10.28 -25.65 -13.71
C PHE A 963 -10.84 -27.03 -13.55
N TYR A 964 -11.17 -27.70 -14.61
CA TYR A 964 -11.80 -28.96 -14.67
C TYR A 964 -11.15 -29.98 -13.77
N ALA A 965 -9.86 -30.01 -13.71
CA ALA A 965 -9.08 -30.85 -12.91
C ALA A 965 -9.47 -30.79 -11.45
N LEU A 966 -9.93 -29.69 -10.98
CA LEU A 966 -10.43 -29.43 -9.68
C LEU A 966 -11.83 -29.90 -9.47
N LYS A 967 -12.76 -29.45 -10.26
CA LYS A 967 -14.14 -29.69 -10.24
C LYS A 967 -14.76 -29.65 -11.61
N THR A 968 -15.73 -30.44 -11.93
CA THR A 968 -16.46 -30.48 -13.12
C THR A 968 -17.39 -29.31 -13.24
N GLU A 969 -17.59 -28.81 -14.47
CA GLU A 969 -18.46 -27.65 -14.67
C GLU A 969 -19.82 -27.87 -14.01
N GLU A 970 -20.37 -29.07 -14.11
CA GLU A 970 -21.64 -29.36 -13.46
C GLU A 970 -21.53 -29.14 -11.95
N GLU A 971 -20.48 -29.68 -11.34
CA GLU A 971 -20.23 -29.37 -9.93
C GLU A 971 -20.05 -27.88 -9.73
N ILE A 972 -19.29 -27.25 -10.63
CA ILE A 972 -19.06 -25.81 -10.52
C ILE A 972 -20.37 -25.05 -10.56
N LYS A 973 -21.22 -25.35 -11.56
CA LYS A 973 -22.50 -24.67 -11.64
C LYS A 973 -23.33 -24.91 -10.39
N GLN A 974 -23.42 -26.17 -9.95
CA GLN A 974 -24.22 -26.47 -8.77
C GLN A 974 -23.77 -25.63 -7.57
N LEU A 975 -22.52 -25.54 -7.29
CA LEU A 975 -21.94 -24.80 -6.22
C LEU A 975 -22.37 -23.36 -6.25
N ILE A 976 -22.08 -22.71 -7.38
CA ILE A 976 -22.40 -21.29 -7.49
C ILE A 976 -23.90 -21.07 -7.37
N ASP A 977 -24.69 -22.00 -7.92
CA ASP A 977 -26.14 -21.88 -7.80
C ASP A 977 -26.55 -21.79 -6.33
N SER A 978 -25.77 -22.41 -5.45
CA SER A 978 -26.04 -22.27 -4.02
C SER A 978 -26.10 -20.81 -3.60
N TYR A 979 -25.28 -19.97 -4.12
CA TYR A 979 -25.16 -18.59 -3.81
C TYR A 979 -26.43 -17.83 -4.06
N ASN A 980 -27.04 -18.05 -5.22
CA ASN A 980 -28.13 -17.21 -5.69
C ASN A 980 -29.31 -17.22 -4.72
N THR A 981 -29.71 -18.40 -4.27
CA THR A 981 -30.92 -18.54 -3.45
C THR A 981 -30.64 -18.98 -2.03
N ASN A 982 -29.60 -19.78 -1.81
CA ASN A 982 -29.37 -20.37 -0.50
C ASN A 982 -28.87 -19.32 0.48
N ARG A 983 -29.79 -18.66 1.18
CA ARG A 983 -29.40 -17.65 2.17
C ARG A 983 -28.60 -18.29 3.30
N ALA A 984 -29.00 -19.50 3.73
CA ALA A 984 -28.28 -20.18 4.79
C ALA A 984 -26.81 -20.38 4.42
N SER A 985 -26.50 -20.53 3.13
CA SER A 985 -25.12 -20.63 2.71
C SER A 985 -24.30 -19.42 3.14
N HIS A 986 -24.95 -18.28 3.33
CA HIS A 986 -24.26 -17.05 3.74
C HIS A 986 -24.24 -16.95 5.27
N ASP A 987 -23.42 -17.81 5.87
CA ASP A 987 -23.26 -17.83 7.32
C ASP A 987 -22.10 -16.96 7.80
N ILE A 988 -21.32 -16.36 6.96
CA ILE A 988 -20.19 -15.55 7.16
C ILE A 988 -20.43 -14.13 6.71
N SER A 989 -20.11 -13.13 7.46
CA SER A 989 -20.28 -11.75 7.22
C SER A 989 -19.34 -11.24 6.14
N ASN A 990 -19.49 -10.04 5.71
CA ASN A 990 -18.70 -9.36 4.75
C ASN A 990 -17.29 -9.11 5.23
N GLU A 991 -17.13 -8.80 6.47
CA GLU A 991 -15.91 -8.47 7.12
C GLU A 991 -14.88 -9.54 6.93
N GLU A 992 -15.26 -10.75 6.74
CA GLU A 992 -14.49 -11.89 6.40
C GLU A 992 -14.29 -12.06 4.92
N LEU A 993 -15.33 -11.94 4.15
CA LEU A 993 -15.35 -12.00 2.74
C LEU A 993 -14.35 -11.07 2.12
N ASP A 994 -14.44 -9.81 2.43
CA ASP A 994 -13.59 -8.78 1.99
C ASP A 994 -12.15 -9.08 2.27
N LEU A 995 -11.77 -9.51 3.47
CA LEU A 995 -10.39 -9.74 3.84
C LEU A 995 -9.86 -11.00 3.17
N LYS A 996 -10.69 -12.04 3.02
CA LYS A 996 -10.34 -13.22 2.23
C LYS A 996 -9.94 -12.82 0.81
N ILE A 997 -10.71 -11.97 0.14
CA ILE A 997 -10.47 -11.49 -1.16
C ILE A 997 -9.19 -10.69 -1.21
N LEU A 998 -9.08 -9.70 -0.39
CA LEU A 998 -7.98 -8.83 -0.28
C LEU A 998 -6.71 -9.60 -0.12
N ASN A 999 -6.68 -10.57 0.80
CA ASN A 999 -5.52 -11.44 0.98
C ASN A 999 -5.30 -12.37 -0.23
N THR A 1000 -6.37 -12.89 -0.83
CA THR A 1000 -6.27 -13.69 -2.06
C THR A 1000 -5.57 -12.89 -3.15
N LYS A 1001 -5.88 -11.59 -3.28
CA LYS A 1001 -5.27 -10.71 -4.19
C LYS A 1001 -3.80 -10.58 -3.92
N LYS A 1002 -3.43 -10.37 -2.70
CA LYS A 1002 -2.12 -10.29 -2.20
C LYS A 1002 -1.28 -11.47 -2.63
N ALA A 1003 -1.84 -12.66 -2.56
CA ALA A 1003 -1.10 -13.88 -2.85
C ALA A 1003 -0.64 -13.95 -4.31
N LEU A 1004 -1.53 -13.63 -5.27
CA LEU A 1004 -1.26 -13.59 -6.65
C LEU A 1004 -0.17 -12.61 -6.98
N VAL A 1005 -0.34 -11.37 -6.63
CA VAL A 1005 0.58 -10.32 -6.79
C VAL A 1005 1.92 -10.71 -6.21
N ALA A 1006 1.94 -11.41 -5.08
CA ALA A 1006 3.19 -11.92 -4.51
C ALA A 1006 3.88 -12.93 -5.43
N ASN A 1007 3.13 -13.90 -5.98
CA ASN A 1007 3.67 -14.78 -7.00
C ASN A 1007 4.22 -13.98 -8.19
N ALA A 1008 3.50 -12.96 -8.65
CA ALA A 1008 3.88 -12.12 -9.71
C ALA A 1008 5.21 -11.47 -9.44
N VAL A 1009 5.34 -10.83 -8.28
CA VAL A 1009 6.56 -10.16 -7.86
C VAL A 1009 7.74 -11.13 -7.88
N GLY A 1010 7.52 -12.37 -7.49
CA GLY A 1010 8.57 -13.39 -7.55
C GLY A 1010 9.06 -13.62 -8.98
N VAL A 1011 8.16 -13.85 -9.91
CA VAL A 1011 8.55 -14.15 -11.29
C VAL A 1011 9.33 -12.98 -11.88
N ILE A 1012 8.79 -11.78 -11.82
CA ILE A 1012 9.36 -10.59 -12.32
C ILE A 1012 10.73 -10.38 -11.74
N ASP A 1013 10.92 -10.61 -10.43
CA ASP A 1013 12.23 -10.46 -9.78
C ASP A 1013 13.24 -11.45 -10.36
N PHE A 1014 12.83 -12.70 -10.51
CA PHE A 1014 13.65 -13.73 -11.01
C PHE A 1014 14.17 -13.41 -12.39
N LEU A 1015 13.31 -13.03 -13.28
CA LEU A 1015 13.59 -12.69 -14.62
C LEU A 1015 14.63 -11.61 -14.72
N TYR A 1016 14.47 -10.56 -14.01
CA TYR A 1016 15.29 -9.41 -13.98
C TYR A 1016 16.72 -9.77 -13.70
N LYS A 1017 16.97 -10.54 -12.69
CA LYS A 1017 18.22 -11.06 -12.31
C LYS A 1017 18.87 -11.80 -13.44
N HIS A 1018 18.15 -12.67 -14.07
CA HIS A 1018 18.57 -13.52 -15.12
C HIS A 1018 19.21 -12.75 -16.24
N TYR A 1019 18.50 -11.84 -16.83
CA TYR A 1019 18.90 -11.03 -17.91
C TYR A 1019 20.07 -10.14 -17.55
N GLU A 1020 20.04 -9.52 -16.43
CA GLU A 1020 21.09 -8.75 -15.88
C GLU A 1020 22.40 -9.49 -15.93
N ARG A 1021 22.44 -10.63 -15.33
CA ARG A 1021 23.52 -11.55 -15.33
C ARG A 1021 23.89 -11.97 -16.73
N ARG A 1022 22.85 -12.31 -17.51
CA ARG A 1022 23.04 -12.77 -18.87
C ARG A 1022 23.66 -11.70 -19.76
N LEU A 1023 23.23 -10.45 -19.61
CA LEU A 1023 23.69 -9.37 -20.47
C LEU A 1023 24.56 -8.35 -19.77
N GLY A 1024 24.69 -8.39 -18.45
CA GLY A 1024 25.53 -7.47 -17.74
C GLY A 1024 25.09 -6.02 -17.87
N GLY A 1025 23.80 -5.77 -17.68
CA GLY A 1025 23.28 -4.42 -17.76
C GLY A 1025 21.98 -4.31 -17.01
N GLU A 1026 21.43 -3.10 -17.02
CA GLU A 1026 20.19 -2.80 -16.33
C GLU A 1026 19.06 -2.58 -17.33
N GLY A 1027 17.84 -2.92 -16.91
CA GLY A 1027 16.68 -2.85 -17.77
C GLY A 1027 15.62 -1.91 -17.23
N LEU A 1028 14.56 -1.75 -18.02
CA LEU A 1028 13.48 -0.83 -17.72
C LEU A 1028 12.20 -1.63 -17.51
N ILE A 1029 11.53 -1.46 -16.43
CA ILE A 1029 10.24 -1.93 -16.06
C ILE A 1029 9.23 -0.90 -16.49
N ILE A 1030 8.60 -1.09 -17.64
CA ILE A 1030 7.64 -0.13 -18.17
C ILE A 1030 6.25 -0.70 -17.92
N LYS A 1031 5.37 0.01 -17.32
CA LYS A 1031 4.05 -0.30 -16.93
C LYS A 1031 3.02 0.58 -17.57
N GLU A 1032 1.92 0.11 -18.03
CA GLU A 1032 0.80 0.85 -18.46
C GLU A 1032 0.41 1.81 -17.37
N GLY A 1033 0.29 3.07 -17.62
CA GLY A 1033 0.16 4.07 -16.69
C GLY A 1033 -1.12 4.27 -15.99
N PHE A 1034 -1.84 3.24 -15.73
CA PHE A 1034 -3.02 3.20 -14.95
C PHE A 1034 -2.77 3.85 -13.62
N GLY A 1035 -3.53 4.80 -13.20
CA GLY A 1035 -3.45 5.52 -12.03
C GLY A 1035 -4.67 6.04 -11.40
N THR A 1036 -4.52 6.93 -10.42
CA THR A 1036 -5.65 7.56 -9.70
C THR A 1036 -6.59 8.31 -10.65
N GLY A 1037 -6.04 9.02 -11.63
CA GLY A 1037 -6.76 9.75 -12.57
C GLY A 1037 -7.65 8.99 -13.46
N LYS A 1038 -7.21 7.90 -13.97
CA LYS A 1038 -7.88 6.98 -14.81
C LYS A 1038 -8.80 6.06 -14.04
N ASN A 1049 -7.90 -2.96 -9.60
CA ASN A 1049 -7.49 -2.65 -8.28
C ASN A 1049 -6.17 -3.30 -7.97
N ILE A 1050 -5.97 -4.48 -8.48
CA ILE A 1050 -4.79 -5.25 -8.47
C ILE A 1050 -3.66 -4.40 -8.95
N TYR A 1051 -3.88 -3.68 -9.99
CA TYR A 1051 -2.94 -2.90 -10.71
C TYR A 1051 -2.24 -1.93 -9.78
N ARG A 1052 -3.02 -1.30 -8.90
CA ARG A 1052 -2.50 -0.41 -7.84
C ARG A 1052 -1.61 -1.20 -6.88
N ILE A 1053 -2.05 -2.38 -6.47
CA ILE A 1053 -1.35 -3.30 -5.68
C ILE A 1053 -0.09 -3.76 -6.35
N LEU A 1054 -0.19 -4.26 -7.54
CA LEU A 1054 0.86 -4.66 -8.37
C LEU A 1054 1.91 -3.58 -8.49
N GLU A 1055 1.50 -2.37 -8.69
CA GLU A 1055 2.31 -1.21 -8.72
C GLU A 1055 3.16 -1.09 -7.48
N ARG A 1056 2.55 -1.05 -6.34
CA ARG A 1056 3.13 -0.90 -5.06
C ARG A 1056 4.18 -1.93 -4.79
N LYS A 1057 3.74 -3.17 -4.60
CA LYS A 1057 4.63 -4.26 -4.13
C LYS A 1057 5.84 -4.42 -5.03
N LEU A 1058 5.66 -4.28 -6.34
CA LEU A 1058 6.69 -4.23 -7.30
C LEU A 1058 7.76 -3.24 -6.90
N TYR A 1059 7.36 -2.05 -6.60
CA TYR A 1059 8.19 -0.96 -6.23
C TYR A 1059 9.06 -1.30 -5.05
N GLN A 1060 8.46 -1.84 -4.00
CA GLN A 1060 9.20 -2.24 -2.81
C GLN A 1060 10.22 -3.32 -3.11
N LYS A 1061 9.89 -4.33 -3.94
CA LYS A 1061 10.88 -5.37 -4.24
C LYS A 1061 12.13 -4.77 -4.86
N PHE A 1062 11.99 -3.70 -5.62
CA PHE A 1062 13.03 -3.00 -6.26
C PHE A 1062 13.70 -1.96 -5.40
N GLN A 1063 13.04 -1.51 -4.33
CA GLN A 1063 13.60 -0.48 -3.46
C GLN A 1063 14.82 -0.99 -2.70
N ASN A 1064 14.84 -2.24 -2.27
CA ASN A 1064 16.00 -2.84 -1.60
C ASN A 1064 17.24 -2.90 -2.52
N TYR A 1065 17.08 -2.86 -3.84
CA TYR A 1065 18.07 -2.77 -4.84
C TYR A 1065 18.55 -1.37 -5.11
N GLY A 1066 17.87 -0.36 -4.70
CA GLY A 1066 18.18 0.95 -4.94
C GLY A 1066 18.28 1.40 -6.34
N LEU A 1067 17.38 1.00 -7.18
CA LEU A 1067 17.18 1.42 -8.52
C LEU A 1067 16.16 2.51 -8.70
N VAL A 1068 15.48 2.92 -7.68
CA VAL A 1068 14.45 3.89 -7.61
C VAL A 1068 14.62 4.82 -6.44
N PRO A 1069 14.15 6.07 -6.49
CA PRO A 1069 14.34 6.98 -5.38
C PRO A 1069 13.61 6.58 -4.15
N PRO A 1070 14.01 7.03 -2.96
CA PRO A 1070 13.15 7.00 -1.80
C PRO A 1070 12.01 7.98 -1.92
N ILE A 1071 10.88 7.77 -1.36
CA ILE A 1071 9.65 8.44 -1.58
C ILE A 1071 8.65 8.31 -0.46
N LYS A 1072 7.78 9.31 -0.27
CA LYS A 1072 6.64 9.23 0.66
C LYS A 1072 5.82 7.98 0.44
N SER A 1073 5.14 7.91 -0.70
CA SER A 1073 4.23 6.92 -1.12
C SER A 1073 3.90 7.04 -2.58
N LEU A 1074 4.15 6.07 -3.41
CA LEU A 1074 4.05 6.12 -4.81
C LEU A 1074 2.74 6.68 -5.27
N MET A 1075 1.63 6.22 -4.68
CA MET A 1075 0.29 6.69 -5.05
C MET A 1075 0.00 8.15 -4.68
N ALA A 1076 0.77 8.78 -3.78
CA ALA A 1076 0.69 10.21 -3.49
C ALA A 1076 1.67 11.06 -4.32
N VAL A 1077 2.18 10.57 -5.46
CA VAL A 1077 3.16 11.18 -6.28
C VAL A 1077 2.68 11.59 -7.64
N ARG A 1078 2.09 10.69 -8.36
CA ARG A 1078 1.80 10.73 -9.74
C ARG A 1078 1.07 12.00 -10.11
N ALA A 1079 1.23 12.50 -11.29
CA ALA A 1079 0.79 13.73 -11.83
C ALA A 1079 0.46 13.63 -13.29
N ASN A 1080 0.33 14.78 -13.96
CA ASN A 1080 0.00 14.83 -15.37
C ASN A 1080 1.20 14.43 -16.22
N GLY A 1081 1.06 14.58 -17.53
CA GLY A 1081 2.07 14.15 -18.47
C GLY A 1081 1.84 12.77 -19.03
N ILE A 1082 0.73 12.15 -18.84
CA ILE A 1082 0.33 10.84 -19.19
C ILE A 1082 -0.86 10.78 -20.12
N GLU A 1083 -1.07 11.80 -20.95
CA GLU A 1083 -2.26 11.91 -21.77
C GLU A 1083 -1.90 12.23 -23.21
N ASN A 1084 -2.79 11.82 -24.12
CA ASN A 1084 -2.79 12.22 -25.53
C ASN A 1084 -1.38 12.36 -26.09
N ASN A 1085 -0.57 11.31 -25.96
CA ASN A 1085 0.71 11.26 -26.64
C ASN A 1085 1.22 9.83 -26.65
N LYS A 1086 1.31 9.24 -27.84
CA LYS A 1086 1.96 7.93 -27.96
C LYS A 1086 3.43 8.01 -27.59
N ASN A 1087 4.00 9.21 -27.55
CA ASN A 1087 5.40 9.40 -27.23
C ASN A 1087 5.64 9.76 -25.77
N ALA A 1088 4.58 9.97 -24.98
CA ALA A 1088 4.76 10.39 -23.60
C ALA A 1088 5.39 9.29 -22.76
N ILE A 1089 6.02 9.71 -21.67
CA ILE A 1089 6.62 8.77 -20.72
C ILE A 1089 6.84 9.49 -19.41
N LEU A 1090 6.63 8.78 -18.31
CA LEU A 1090 6.98 9.23 -16.97
C LEU A 1090 8.02 8.27 -16.43
N GLN A 1091 9.12 8.82 -15.89
CA GLN A 1091 10.24 8.02 -15.43
C GLN A 1091 10.49 8.25 -13.94
N LEU A 1092 10.60 7.23 -13.16
CA LEU A 1092 11.03 7.13 -11.81
C LEU A 1092 12.08 6.05 -11.70
N GLY A 1093 13.35 6.40 -11.77
CA GLY A 1093 14.37 5.36 -11.88
C GLY A 1093 14.13 4.55 -13.14
N ASN A 1094 14.25 3.28 -13.10
CA ASN A 1094 14.05 2.33 -14.13
C ASN A 1094 12.60 2.00 -14.39
N VAL A 1095 11.69 2.43 -13.59
CA VAL A 1095 10.29 2.34 -13.70
C VAL A 1095 9.77 3.40 -14.65
N GLY A 1096 8.75 3.09 -15.43
CA GLY A 1096 8.21 4.06 -16.37
C GLY A 1096 6.78 3.75 -16.73
N PHE A 1097 5.97 4.73 -16.91
CA PHE A 1097 4.60 4.78 -17.27
C PHE A 1097 4.38 5.47 -18.59
N ILE A 1098 3.49 4.96 -19.44
CA ILE A 1098 3.22 5.55 -20.75
C ILE A 1098 1.72 5.53 -21.02
N ASP A 1099 1.35 6.05 -22.19
CA ASP A 1099 -0.05 6.19 -22.57
C ASP A 1099 -0.62 4.85 -23.02
N PRO A 1100 -1.92 4.59 -22.82
CA PRO A 1100 -2.51 3.33 -23.25
C PRO A 1100 -3.03 3.33 -24.69
N ALA A 1101 -2.77 4.36 -25.47
CA ALA A 1101 -3.28 4.42 -26.83
C ALA A 1101 -2.72 3.26 -27.66
N GLY A 1102 -3.55 2.65 -28.49
CA GLY A 1102 -3.12 1.52 -29.29
C GLY A 1102 -3.01 0.28 -28.44
N THR A 1103 -3.33 -0.88 -29.01
CA THR A 1103 -3.36 -2.12 -28.23
C THR A 1103 -2.99 -3.28 -29.14
N SER A 1104 -3.32 -4.50 -28.72
CA SER A 1104 -2.84 -5.72 -29.36
C SER A 1104 -2.78 -5.63 -30.89
N GLN A 1105 -3.75 -4.95 -31.50
CA GLN A 1105 -3.92 -5.06 -32.94
C GLN A 1105 -2.65 -4.72 -33.72
N GLU A 1106 -1.92 -3.69 -33.30
CA GLU A 1106 -0.75 -3.28 -34.09
C GLU A 1106 0.21 -4.45 -34.25
N CYS A 1107 0.50 -4.80 -35.49
CA CYS A 1107 1.39 -5.91 -35.75
C CYS A 1107 2.82 -5.54 -35.34
N PRO A 1108 3.59 -6.49 -34.80
CA PRO A 1108 4.99 -6.19 -34.49
C PRO A 1108 5.80 -5.78 -35.69
N VAL A 1109 5.49 -6.30 -36.88
CA VAL A 1109 6.35 -6.11 -38.04
C VAL A 1109 5.80 -5.03 -38.95
N CYS A 1110 4.57 -5.21 -39.44
CA CYS A 1110 3.95 -4.27 -40.36
C CYS A 1110 3.11 -3.22 -39.66
N ILE A 1111 2.89 -3.35 -38.36
CA ILE A 1111 2.17 -2.34 -37.57
C ILE A 1111 0.73 -2.22 -38.04
N GLU A 1112 0.52 -1.65 -39.24
CA GLU A 1112 -0.81 -1.21 -39.63
C GLU A 1112 -1.80 -2.37 -39.66
N GLY A 1113 -1.40 -3.52 -40.20
CA GLY A 1113 -2.31 -4.63 -40.34
C GLY A 1113 -2.83 -5.14 -39.01
N ARG A 1114 -4.15 -5.12 -38.83
CA ARG A 1114 -4.74 -5.74 -37.65
C ARG A 1114 -4.42 -7.23 -37.65
N LEU A 1115 -4.16 -7.78 -36.47
CA LEU A 1115 -3.65 -9.13 -36.37
C LEU A 1115 -4.22 -9.84 -35.14
N GLU A 1116 -4.24 -11.17 -35.23
CA GLU A 1116 -4.54 -12.02 -34.09
C GLU A 1116 -3.48 -13.11 -33.99
N HIS A 1117 -3.13 -13.47 -32.76
CA HIS A 1117 -2.16 -14.53 -32.54
C HIS A 1117 -2.68 -15.84 -33.12
N THR A 1118 -1.75 -16.63 -33.64
CA THR A 1118 -2.00 -17.87 -34.40
C THR A 1118 -2.46 -17.55 -35.82
N THR A 1119 -2.68 -16.29 -36.18
CA THR A 1119 -3.12 -15.92 -37.50
C THR A 1119 -2.02 -15.12 -38.19
N THR A 1120 -1.79 -15.42 -39.46
CA THR A 1120 -0.75 -14.72 -40.22
C THR A 1120 -1.16 -13.27 -40.45
N CYS A 1121 -0.16 -12.43 -40.70
CA CYS A 1121 -0.44 -11.02 -40.96
C CYS A 1121 -1.34 -10.87 -42.17
N PRO A 1122 -2.44 -10.11 -42.07
CA PRO A 1122 -3.27 -9.90 -43.27
C PRO A 1122 -2.51 -9.25 -44.41
N ASN A 1123 -1.58 -8.34 -44.10
CA ASN A 1123 -0.75 -7.75 -45.13
C ASN A 1123 0.28 -8.73 -45.68
N LYS A 1124 0.40 -9.92 -45.09
CA LYS A 1124 1.37 -10.92 -45.54
C LYS A 1124 2.78 -10.37 -45.44
N CYS A 1125 3.05 -9.60 -44.38
CA CYS A 1125 4.39 -9.10 -44.14
C CYS A 1125 5.39 -10.22 -43.95
N GLY A 1126 4.93 -11.42 -43.59
CA GLY A 1126 5.80 -12.55 -43.33
C GLY A 1126 5.93 -12.93 -41.88
N PHE A 1127 5.35 -12.16 -40.97
CA PHE A 1127 5.43 -12.49 -39.55
C PHE A 1127 4.67 -13.77 -39.25
N ASN A 1128 5.09 -14.45 -38.19
CA ASN A 1128 4.33 -15.57 -37.65
C ASN A 1128 4.48 -15.57 -36.14
N SER A 1129 3.38 -15.86 -35.44
CA SER A 1129 3.38 -15.99 -33.99
C SER A 1129 3.35 -17.45 -33.55
N GLU A 1130 3.59 -18.37 -34.48
CA GLU A 1130 3.43 -19.80 -34.18
C GLU A 1130 4.41 -20.24 -33.10
N ARG A 1131 5.68 -19.83 -33.20
CA ARG A 1131 6.73 -20.36 -32.34
C ARG A 1131 7.50 -19.24 -31.66
N ILE A 1132 6.84 -18.12 -31.37
CA ILE A 1132 7.49 -17.02 -30.66
C ILE A 1132 6.72 -16.55 -29.44
N MET A 1133 5.42 -16.78 -29.35
CA MET A 1133 4.61 -16.33 -28.23
C MET A 1133 3.79 -17.50 -27.70
N HIS A 1134 2.99 -17.22 -26.68
CA HIS A 1134 2.14 -18.23 -26.07
C HIS A 1134 0.67 -18.06 -26.41
N SER A 1135 0.21 -16.84 -26.64
CA SER A 1135 -1.21 -16.59 -26.87
C SER A 1135 -1.38 -15.23 -27.53
N ASN A 1136 -2.63 -14.78 -27.62
CA ASN A 1136 -2.93 -13.46 -28.18
C ASN A 1136 -2.33 -12.36 -27.34
N ASP A 1137 -2.53 -12.42 -26.02
CA ASP A 1137 -2.09 -11.35 -25.14
C ASP A 1137 -0.60 -11.09 -25.25
N GLY A 1138 0.20 -12.10 -25.62
CA GLY A 1138 1.64 -11.89 -25.72
C GLY A 1138 2.00 -10.80 -26.71
N ILE A 1139 1.26 -10.73 -27.82
CA ILE A 1139 1.55 -9.71 -28.82
C ILE A 1139 1.42 -8.31 -28.23
N ALA A 1140 0.41 -8.10 -27.38
CA ALA A 1140 0.22 -6.79 -26.78
C ALA A 1140 1.41 -6.42 -25.90
N SER A 1141 1.77 -7.29 -24.95
CA SER A 1141 2.87 -6.98 -24.05
C SER A 1141 4.18 -6.80 -24.81
N PHE A 1142 4.29 -7.41 -25.99
CA PHE A 1142 5.43 -7.12 -26.85
C PHE A 1142 5.35 -5.70 -27.38
N ASN A 1143 4.17 -5.30 -27.85
CA ASN A 1143 4.02 -3.98 -28.44
C ASN A 1143 4.31 -2.88 -27.42
N ILE A 1144 3.81 -3.03 -26.20
CA ILE A 1144 3.95 -1.97 -25.21
C ILE A 1144 5.42 -1.69 -24.92
N ALA A 1145 6.21 -2.73 -24.73
CA ALA A 1145 7.64 -2.52 -24.49
C ALA A 1145 8.30 -1.88 -25.69
N LYS A 1146 7.97 -2.36 -26.90
CA LYS A 1146 8.54 -1.77 -28.10
C LYS A 1146 8.35 -0.27 -28.10
N ARG A 1147 7.12 0.19 -27.90
CA ARG A 1147 6.86 1.63 -27.83
C ARG A 1147 7.58 2.26 -26.65
N GLY A 1148 7.53 1.60 -25.49
CA GLY A 1148 8.11 2.19 -24.29
C GLY A 1148 9.59 2.50 -24.44
N PHE A 1149 10.36 1.55 -24.97
CA PHE A 1149 11.78 1.79 -25.18
C PHE A 1149 11.99 2.93 -26.16
N ASN A 1150 11.21 2.97 -27.24
CA ASN A 1150 11.34 4.05 -28.21
C ASN A 1150 11.05 5.40 -27.58
N ASN A 1151 10.03 5.46 -26.72
CA ASN A 1151 9.76 6.71 -26.02
C ASN A 1151 10.90 7.08 -25.08
N PHE A 1152 11.46 6.09 -24.38
CA PHE A 1152 12.53 6.39 -23.43
C PHE A 1152 13.72 7.01 -24.12
N VAL A 1153 14.18 6.40 -25.23
CA VAL A 1153 15.29 6.97 -25.98
C VAL A 1153 14.91 8.35 -26.51
N LYS A 1154 13.69 8.49 -27.00
CA LYS A 1154 13.23 9.81 -27.46
C LYS A 1154 13.28 10.82 -26.32
N SER A 1155 12.96 10.40 -25.10
CA SER A 1155 12.99 11.31 -23.98
C SER A 1155 14.38 11.93 -23.84
N LYS A 1156 14.41 13.25 -23.70
CA LYS A 1156 15.66 14.01 -23.68
C LYS A 1156 15.57 15.06 -22.60
N THR A 1157 16.51 15.03 -21.65
CA THR A 1157 16.62 16.13 -20.69
C THR A 1157 17.18 17.39 -21.34
N ASP A 1158 17.76 17.27 -22.53
CA ASP A 1158 18.31 18.41 -23.24
C ASP A 1158 17.26 19.50 -23.43
#